data_5VVJ
#
_entry.id   5VVJ
#
_cell.length_a   75.067
_cell.length_b   183.113
_cell.length_c   196.920
_cell.angle_alpha   90.000
_cell.angle_beta   90.000
_cell.angle_gamma   90.000
#
_symmetry.space_group_name_H-M   'P 21 21 21'
#
loop_
_entity.id
_entity.type
_entity.pdbx_description
1 polymer 'CRISPR-associated endonuclease Cas1'
2 polymer 'CRISPR-associated endoribonuclease Cas2'
3 polymer 'DNA (28-MER)'
4 polymer 'DNA (112-MER)'
#
loop_
_entity_poly.entity_id
_entity_poly.type
_entity_poly.pdbx_seq_one_letter_code
_entity_poly.pdbx_strand_id
1 'polypeptide(L)'
;MTWLPLNPIPLKDRVSMIFLQYGQIDVIDGAFVLIDKTGIRTHIPVGSVACIMLEPGTRVSHAAVRLAAQVGTLLVWVGE
AGVRVYASGQPGGARSDKLLYQAKLALDEDLRLKVVRKMFELRFGEPAPARRSVEQLRGIEGSRVRATYALLAKQYGVTW
NGRRYDPKDWEKGDTINQCISAATSCLYGVTEAAILAAGYAPAIGFVHTGKPLSFVYDIADIIKFDTVVPKAFEIARRNP
GEPDREVRLACRDIFRSSKTLAKLIPLIEDVLAAGEIQPPAPPEDAQPVAIPLPVSLGDAGHRSS
;
A,B,C,D
2 'polypeptide(L)'
;MSMLVVVTENVPPRLRGRLAIWLLEVRAGVYVGDVSAKIREMIWEQIAGLAEEGNVVMAWATNTETGFEFQTFGLNRRTP
VDLDGLRLVSFLPVG
;
E,F
3 'polydeoxyribonucleotide'
;(DA)(DA)(DA)(DC)(DA)(DC)(DC)(DA)(DG)(DA)(DA)(DC)(DG)(DA)(DG)(DT)(DA)(DG)(DT)(DA)
(DA)(DA)(DT)(DT)(DG)(DG)(DG)(DC)
;
G
4 'polydeoxyribonucleotide'
;(DA)(DT)(DT)(DT)(DA)(DC)(DT)(DA)(DC)(DT)(DC)(DG)(DT)(DT)(DC)(DT)(DG)(DG)(DT)(DG)
(DT)(DT)(DT)(DC)(DT)(DC)(DG)(DT)(DG)(DT)(DG)(DT)(DT)(DC)(DC)(DC)(DC)(DG)(DC)(DG)
(DC)(DC)(DA)(DG)(DC)(DG)(DG)(DG)(DG)(DA)(DT)(DA)(DA)(DA)(DC)(DC)(DG)(DA)(DG)(DC)
(DA)(DG)(DA)(DT)(DA)(DT)(DG)(DC)(DT)(DC)(DG)(DG)(DT)(DT)(DT)(DA)(DT)(DC)(DC)(DC)
(DC)(DG)(DC)(DT)(DG)(DG)(DC)(DG)(DC)(DG)(DG)(DG)(DG)(DA)(DA)(DC)(DA)(DC)(DT)(DC)
(DT)(DA)(DA)(DG)(DA)(DT)(DA)(DT)(DT)(DA)(DG)(DA)
;
H
#
loop_
_chem_comp.id
_chem_comp.type
_chem_comp.name
_chem_comp.formula
DA DNA linking 2'-DEOXYADENOSINE-5'-MONOPHOSPHATE 'C10 H14 N5 O6 P'
DC DNA linking 2'-DEOXYCYTIDINE-5'-MONOPHOSPHATE 'C9 H14 N3 O7 P'
DG DNA linking 2'-DEOXYGUANOSINE-5'-MONOPHOSPHATE 'C10 H14 N5 O7 P'
DT DNA linking THYMIDINE-5'-MONOPHOSPHATE 'C10 H15 N2 O8 P'
#
# COMPACT_ATOMS: atom_id res chain seq x y z
N SER A 16 -54.23 1.53 -2.56
CA SER A 16 -54.02 0.49 -1.56
C SER A 16 -52.57 0.01 -1.57
N MET A 17 -52.31 -1.05 -2.32
CA MET A 17 -50.99 -1.68 -2.37
C MET A 17 -50.97 -2.69 -3.51
N ILE A 18 -49.79 -2.92 -4.07
CA ILE A 18 -49.64 -3.79 -5.23
C ILE A 18 -48.31 -4.52 -5.14
N PHE A 19 -48.30 -5.80 -5.54
CA PHE A 19 -47.10 -6.61 -5.61
C PHE A 19 -46.72 -6.85 -7.07
N LEU A 20 -45.43 -6.74 -7.37
CA LEU A 20 -44.91 -6.97 -8.71
C LEU A 20 -43.74 -7.94 -8.63
N GLN A 21 -43.68 -8.88 -9.57
CA GLN A 21 -42.72 -9.97 -9.48
C GLN A 21 -42.38 -10.51 -10.86
N TYR A 22 -41.10 -10.87 -11.05
CA TYR A 22 -40.61 -11.60 -12.21
C TYR A 22 -40.80 -10.83 -13.52
N GLY A 23 -40.44 -9.56 -13.49
CA GLY A 23 -40.55 -8.74 -14.68
C GLY A 23 -39.84 -7.41 -14.48
N GLN A 24 -39.69 -6.70 -15.58
CA GLN A 24 -38.97 -5.43 -15.59
C GLN A 24 -39.95 -4.26 -15.55
N ILE A 25 -39.66 -3.30 -14.67
CA ILE A 25 -40.49 -2.10 -14.51
C ILE A 25 -40.00 -1.03 -15.48
N ASP A 26 -40.94 -0.38 -16.17
CA ASP A 26 -40.56 0.71 -17.08
C ASP A 26 -41.74 1.65 -17.24
N VAL A 27 -41.55 2.65 -18.09
CA VAL A 27 -42.57 3.65 -18.42
C VAL A 27 -42.48 3.90 -19.92
N ILE A 28 -43.47 3.42 -20.67
CA ILE A 28 -43.49 3.56 -22.12
C ILE A 28 -44.39 4.70 -22.56
N ASP A 29 -45.64 4.71 -22.11
CA ASP A 29 -46.60 5.75 -22.47
C ASP A 29 -47.14 6.46 -21.23
N GLY A 30 -46.26 6.75 -20.27
CA GLY A 30 -46.65 7.51 -19.12
C GLY A 30 -47.23 6.72 -17.97
N ALA A 31 -47.12 5.38 -18.00
CA ALA A 31 -47.66 4.54 -16.96
C ALA A 31 -46.66 3.46 -16.59
N PHE A 32 -46.71 3.03 -15.32
CA PHE A 32 -45.84 1.94 -14.87
C PHE A 32 -46.23 0.66 -15.58
N VAL A 33 -45.27 0.05 -16.26
CA VAL A 33 -45.49 -1.22 -16.95
C VAL A 33 -44.55 -2.26 -16.35
N LEU A 34 -45.07 -3.48 -16.19
CA LEU A 34 -44.31 -4.61 -15.68
C LEU A 34 -44.27 -5.67 -16.77
N ILE A 35 -43.06 -6.01 -17.23
CA ILE A 35 -42.87 -6.92 -18.35
C ILE A 35 -42.50 -8.29 -17.81
N ASP A 36 -43.19 -9.32 -18.32
CA ASP A 36 -42.96 -10.71 -17.94
C ASP A 36 -42.06 -11.39 -18.95
N LYS A 37 -41.59 -12.59 -18.59
CA LYS A 37 -40.80 -13.38 -19.52
C LYS A 37 -41.61 -13.85 -20.73
N THR A 38 -42.94 -13.80 -20.65
CA THR A 38 -43.81 -14.19 -21.75
C THR A 38 -44.33 -12.99 -22.54
N GLY A 39 -43.96 -11.77 -22.16
CA GLY A 39 -44.39 -10.59 -22.88
C GLY A 39 -45.73 -10.03 -22.43
N ILE A 40 -46.07 -10.14 -21.16
CA ILE A 40 -47.35 -9.68 -20.62
C ILE A 40 -47.14 -8.32 -19.99
N ARG A 41 -47.60 -7.26 -20.66
CA ARG A 41 -47.50 -5.92 -20.10
C ARG A 41 -48.56 -5.72 -19.02
N THR A 42 -48.15 -5.18 -17.87
CA THR A 42 -49.10 -4.86 -16.80
C THR A 42 -49.00 -3.36 -16.54
N HIS A 43 -49.78 -2.58 -17.28
CA HIS A 43 -49.82 -1.14 -17.03
C HIS A 43 -50.30 -0.90 -15.60
N ILE A 44 -49.92 0.25 -15.04
CA ILE A 44 -50.36 0.54 -13.69
C ILE A 44 -50.65 2.02 -13.57
N PRO A 45 -51.88 2.42 -13.25
CA PRO A 45 -52.15 3.84 -13.08
C PRO A 45 -51.46 4.37 -11.84
N VAL A 46 -51.07 5.65 -11.90
CA VAL A 46 -50.37 6.28 -10.78
C VAL A 46 -51.27 6.41 -9.57
N GLY A 47 -52.58 6.30 -9.78
CA GLY A 47 -53.53 6.41 -8.69
C GLY A 47 -53.86 5.06 -8.05
N SER A 48 -54.58 5.15 -6.92
CA SER A 48 -55.02 4.00 -6.10
C SER A 48 -53.90 3.05 -5.73
N VAL A 49 -52.67 3.56 -5.65
CA VAL A 49 -51.50 2.77 -5.27
C VAL A 49 -50.74 3.66 -4.30
N ALA A 50 -50.85 3.36 -3.01
CA ALA A 50 -50.09 4.09 -1.98
C ALA A 50 -48.65 3.59 -1.87
N CYS A 51 -48.42 2.32 -2.20
CA CYS A 51 -47.09 1.74 -2.14
C CYS A 51 -47.00 0.59 -3.13
N ILE A 52 -45.81 0.43 -3.71
CA ILE A 52 -45.51 -0.65 -4.64
C ILE A 52 -44.55 -1.62 -3.97
N MET A 53 -44.88 -2.91 -4.04
CA MET A 53 -44.05 -3.95 -3.45
C MET A 53 -43.25 -4.63 -4.56
N LEU A 54 -41.93 -4.62 -4.43
CA LEU A 54 -41.03 -5.21 -5.40
C LEU A 54 -40.54 -6.54 -4.87
N GLU A 55 -40.94 -7.63 -5.51
CA GLU A 55 -40.51 -8.97 -5.18
C GLU A 55 -39.23 -9.30 -5.95
N PRO A 56 -38.49 -10.33 -5.52
CA PRO A 56 -37.26 -10.69 -6.26
C PRO A 56 -37.55 -11.04 -7.71
N GLY A 57 -36.63 -10.64 -8.59
CA GLY A 57 -36.77 -10.82 -10.01
C GLY A 57 -37.23 -9.59 -10.76
N THR A 58 -37.16 -8.41 -10.15
CA THR A 58 -37.69 -7.19 -10.72
C THR A 58 -36.56 -6.20 -10.98
N ARG A 59 -36.45 -5.76 -12.23
CA ARG A 59 -35.46 -4.77 -12.65
C ARG A 59 -36.19 -3.48 -12.99
N VAL A 60 -35.93 -2.42 -12.22
CA VAL A 60 -36.64 -1.16 -12.36
C VAL A 60 -35.78 -0.16 -13.12
N SER A 61 -36.38 0.53 -14.08
CA SER A 61 -35.68 1.52 -14.87
C SER A 61 -35.65 2.86 -14.14
N HIS A 62 -34.93 3.82 -14.74
CA HIS A 62 -34.80 5.14 -14.13
C HIS A 62 -36.06 5.97 -14.31
N ALA A 63 -36.69 5.91 -15.50
CA ALA A 63 -37.90 6.67 -15.73
C ALA A 63 -39.00 6.28 -14.75
N ALA A 64 -39.11 4.98 -14.44
CA ALA A 64 -40.13 4.52 -13.52
C ALA A 64 -39.88 5.04 -12.10
N VAL A 65 -38.62 5.02 -11.66
CA VAL A 65 -38.29 5.55 -10.35
C VAL A 65 -38.56 7.05 -10.30
N ARG A 66 -38.28 7.75 -11.40
CA ARG A 66 -38.55 9.18 -11.44
C ARG A 66 -40.04 9.47 -11.35
N LEU A 67 -40.85 8.71 -12.10
CA LEU A 67 -42.29 8.89 -12.08
C LEU A 67 -42.88 8.58 -10.71
N ALA A 68 -42.47 7.47 -10.11
CA ALA A 68 -42.94 7.16 -8.76
C ALA A 68 -42.48 8.20 -7.75
N ALA A 69 -41.31 8.80 -8.00
CA ALA A 69 -40.81 9.82 -7.07
C ALA A 69 -41.60 11.11 -7.17
N GLN A 70 -42.03 11.48 -8.38
CA GLN A 70 -42.79 12.71 -8.54
C GLN A 70 -44.14 12.65 -7.83
N VAL A 71 -44.82 11.50 -7.94
CA VAL A 71 -46.14 11.36 -7.32
C VAL A 71 -46.07 11.07 -5.83
N GLY A 72 -44.90 10.68 -5.33
CA GLY A 72 -44.79 10.34 -3.92
C GLY A 72 -45.18 8.92 -3.59
N THR A 73 -45.06 8.01 -4.55
CA THR A 73 -45.36 6.60 -4.32
C THR A 73 -44.16 5.93 -3.65
N LEU A 74 -44.38 5.35 -2.48
CA LEU A 74 -43.31 4.66 -1.77
C LEU A 74 -42.99 3.34 -2.45
N LEU A 75 -41.71 3.07 -2.67
CA LEU A 75 -41.22 1.83 -3.22
C LEU A 75 -40.41 1.09 -2.18
N VAL A 76 -40.58 -0.23 -2.12
CA VAL A 76 -39.87 -1.03 -1.12
C VAL A 76 -39.54 -2.39 -1.74
N TRP A 77 -38.28 -2.80 -1.60
CA TRP A 77 -37.80 -4.07 -2.12
C TRP A 77 -37.94 -5.15 -1.05
N VAL A 78 -38.80 -6.13 -1.34
CA VAL A 78 -39.16 -7.17 -0.39
C VAL A 78 -38.97 -8.53 -1.07
N GLY A 79 -39.18 -9.59 -0.29
CA GLY A 79 -39.10 -10.95 -0.78
C GLY A 79 -40.42 -11.44 -1.33
N GLU A 80 -40.58 -12.76 -1.31
CA GLU A 80 -41.80 -13.38 -1.81
C GLU A 80 -42.95 -13.14 -0.85
N ALA A 81 -44.01 -12.48 -1.32
CA ALA A 81 -45.14 -12.10 -0.49
C ALA A 81 -44.69 -11.26 0.71
N GLY A 82 -43.62 -10.49 0.54
CA GLY A 82 -43.12 -9.67 1.62
C GLY A 82 -42.58 -10.45 2.79
N VAL A 83 -42.14 -11.70 2.55
CA VAL A 83 -41.63 -12.52 3.64
C VAL A 83 -40.48 -11.82 4.36
N ARG A 84 -39.64 -11.12 3.60
CA ARG A 84 -38.53 -10.35 4.13
C ARG A 84 -38.52 -8.97 3.48
N VAL A 85 -37.98 -7.99 4.19
CA VAL A 85 -37.84 -6.63 3.68
C VAL A 85 -36.36 -6.29 3.65
N TYR A 86 -35.93 -5.69 2.53
CA TYR A 86 -34.52 -5.38 2.30
C TYR A 86 -34.27 -3.88 2.23
N ALA A 87 -34.90 -3.18 1.28
CA ALA A 87 -34.71 -1.74 1.17
C ALA A 87 -36.03 -1.09 0.74
N SER A 88 -36.27 0.11 1.26
CA SER A 88 -37.45 0.90 0.93
C SER A 88 -37.02 2.32 0.60
N GLY A 89 -37.72 2.92 -0.36
CA GLY A 89 -37.47 4.32 -0.69
C GLY A 89 -37.67 5.23 0.51
N GLN A 90 -37.12 6.45 0.39
CA GLN A 90 -37.15 7.45 1.45
C GLN A 90 -36.78 6.82 2.78
N PRO A 91 -35.51 6.45 2.98
CA PRO A 91 -35.15 5.70 4.19
C PRO A 91 -35.26 6.55 5.44
N GLY A 92 -35.57 5.88 6.55
CA GLY A 92 -35.73 6.54 7.83
C GLY A 92 -37.07 7.22 8.02
N GLY A 93 -37.94 7.22 7.03
CA GLY A 93 -39.24 7.85 7.14
C GLY A 93 -39.37 9.02 6.18
N ALA A 94 -40.54 9.13 5.55
CA ALA A 94 -40.84 10.23 4.63
C ALA A 94 -41.86 11.21 5.18
N ARG A 95 -42.66 10.82 6.16
CA ARG A 95 -43.70 11.67 6.73
C ARG A 95 -43.26 12.19 8.09
N SER A 96 -43.30 13.51 8.26
CA SER A 96 -42.93 14.11 9.55
C SER A 96 -44.07 13.97 10.56
N ASP A 97 -45.32 14.05 10.10
CA ASP A 97 -46.46 13.99 11.01
C ASP A 97 -46.56 12.64 11.69
N LYS A 98 -46.42 11.56 10.93
CA LYS A 98 -46.56 10.23 11.52
C LYS A 98 -45.38 9.88 12.41
N LEU A 99 -44.17 10.31 12.03
CA LEU A 99 -43.01 10.07 12.86
C LEU A 99 -43.14 10.81 14.19
N LEU A 100 -43.40 12.12 14.13
CA LEU A 100 -43.58 12.90 15.35
C LEU A 100 -44.77 12.39 16.16
N TYR A 101 -45.76 11.79 15.50
CA TYR A 101 -46.92 11.25 16.20
C TYR A 101 -46.55 10.02 17.00
N GLN A 102 -45.90 9.05 16.35
CA GLN A 102 -45.46 7.84 17.06
C GLN A 102 -44.47 8.18 18.16
N ALA A 103 -43.58 9.14 17.90
CA ALA A 103 -42.62 9.56 18.91
C ALA A 103 -43.32 10.21 20.09
N LYS A 104 -44.27 11.11 19.83
CA LYS A 104 -45.02 11.73 20.91
C LYS A 104 -45.77 10.69 21.74
N LEU A 105 -46.26 9.63 21.10
CA LEU A 105 -46.91 8.57 21.85
C LEU A 105 -45.92 7.76 22.68
N ALA A 106 -44.71 7.55 22.17
CA ALA A 106 -43.75 6.73 22.92
C ALA A 106 -43.09 7.50 24.04
N LEU A 107 -42.95 8.82 23.90
CA LEU A 107 -42.27 9.60 24.94
C LEU A 107 -43.12 9.72 26.19
N ASP A 108 -44.41 10.02 26.03
CA ASP A 108 -45.30 10.14 27.17
C ASP A 108 -45.57 8.76 27.77
N GLU A 109 -45.45 8.66 29.11
CA GLU A 109 -45.68 7.38 29.76
C GLU A 109 -47.16 7.02 29.75
N ASP A 110 -48.05 8.01 29.83
CA ASP A 110 -49.48 7.75 29.80
C ASP A 110 -49.92 7.23 28.45
N LEU A 111 -49.56 7.95 27.38
CA LEU A 111 -49.87 7.48 26.03
C LEU A 111 -49.27 6.12 25.76
N ARG A 112 -48.04 5.90 26.22
CA ARG A 112 -47.41 4.58 26.09
C ARG A 112 -48.25 3.52 26.77
N LEU A 113 -48.74 3.80 27.98
CA LEU A 113 -49.60 2.83 28.67
C LEU A 113 -50.89 2.59 27.91
N LYS A 114 -51.44 3.63 27.27
CA LYS A 114 -52.66 3.47 26.48
C LYS A 114 -52.41 2.54 25.29
N VAL A 115 -51.31 2.77 24.56
CA VAL A 115 -51.01 1.95 23.40
C VAL A 115 -50.72 0.51 23.82
N VAL A 116 -50.07 0.34 24.97
CA VAL A 116 -49.78 -1.01 25.48
C VAL A 116 -51.09 -1.74 25.80
N ARG A 117 -52.00 -1.06 26.50
CA ARG A 117 -53.29 -1.66 26.80
C ARG A 117 -54.05 -2.04 25.53
N LYS A 118 -54.04 -1.15 24.53
CA LYS A 118 -54.69 -1.46 23.26
C LYS A 118 -54.06 -2.69 22.62
N MET A 119 -52.73 -2.81 22.70
CA MET A 119 -52.07 -3.98 22.15
C MET A 119 -52.48 -5.25 22.89
N PHE A 120 -52.64 -5.16 24.21
CA PHE A 120 -53.08 -6.33 24.98
C PHE A 120 -54.49 -6.75 24.57
N GLU A 121 -55.40 -5.79 24.45
CA GLU A 121 -56.78 -6.09 24.11
C GLU A 121 -56.89 -6.66 22.71
N LEU A 122 -56.17 -6.07 21.74
CA LEU A 122 -56.18 -6.62 20.39
C LEU A 122 -55.45 -7.95 20.30
N ARG A 123 -54.54 -8.23 21.23
CA ARG A 123 -53.78 -9.47 21.21
C ARG A 123 -54.61 -10.63 21.73
N PHE A 124 -55.20 -10.50 22.92
CA PHE A 124 -55.90 -11.60 23.55
C PHE A 124 -57.40 -11.57 23.37
N GLY A 125 -57.95 -10.50 22.80
CA GLY A 125 -59.39 -10.39 22.63
C GLY A 125 -60.13 -9.98 23.88
N GLU A 126 -59.44 -9.51 24.92
CA GLU A 126 -60.04 -9.09 26.17
C GLU A 126 -59.26 -7.91 26.72
N PRO A 127 -59.93 -6.97 27.38
CA PRO A 127 -59.23 -5.79 27.90
C PRO A 127 -58.17 -6.16 28.93
N ALA A 128 -57.17 -5.29 29.04
CA ALA A 128 -56.10 -5.50 30.01
C ALA A 128 -56.60 -5.18 31.42
N PRO A 129 -56.08 -5.87 32.44
CA PRO A 129 -56.49 -5.58 33.81
C PRO A 129 -56.18 -4.14 34.19
N ALA A 130 -57.04 -3.57 35.03
CA ALA A 130 -56.96 -2.16 35.38
C ALA A 130 -55.82 -1.90 36.35
N ARG A 131 -55.35 -0.66 36.35
CA ARG A 131 -54.27 -0.21 37.24
C ARG A 131 -53.03 -1.08 37.10
N ARG A 132 -52.70 -1.44 35.87
CA ARG A 132 -51.51 -2.24 35.59
C ARG A 132 -50.51 -1.42 34.78
N SER A 133 -49.24 -1.51 35.17
CA SER A 133 -48.17 -0.79 34.49
C SER A 133 -47.72 -1.55 33.26
N VAL A 134 -46.80 -0.95 32.50
CA VAL A 134 -46.30 -1.61 31.29
C VAL A 134 -45.66 -2.93 31.65
N GLU A 135 -44.78 -2.93 32.65
CA GLU A 135 -44.04 -4.14 33.00
C GLU A 135 -44.97 -5.25 33.47
N GLN A 136 -46.04 -4.90 34.20
CA GLN A 136 -46.98 -5.91 34.64
C GLN A 136 -47.66 -6.58 33.46
N LEU A 137 -48.08 -5.80 32.46
CA LEU A 137 -48.65 -6.37 31.25
C LEU A 137 -47.62 -7.17 30.46
N ARG A 138 -46.34 -6.81 30.57
CA ARG A 138 -45.30 -7.62 29.95
C ARG A 138 -45.20 -8.98 30.64
N GLY A 139 -45.32 -9.00 31.96
CA GLY A 139 -45.26 -10.27 32.67
C GLY A 139 -46.46 -11.16 32.39
N ILE A 140 -47.67 -10.58 32.48
CA ILE A 140 -48.88 -11.32 32.12
C ILE A 140 -48.74 -11.86 30.69
N GLU A 141 -48.37 -10.97 29.76
CA GLU A 141 -48.17 -11.36 28.38
C GLU A 141 -47.19 -12.53 28.28
N GLY A 142 -46.14 -12.51 29.10
CA GLY A 142 -45.16 -13.58 29.05
C GLY A 142 -45.72 -14.91 29.51
N SER A 143 -46.44 -14.89 30.64
CA SER A 143 -47.05 -16.13 31.13
C SER A 143 -48.05 -16.68 30.13
N ARG A 144 -48.83 -15.80 29.49
CA ARG A 144 -49.75 -16.24 28.45
C ARG A 144 -49.00 -16.80 27.25
N VAL A 145 -47.83 -16.24 26.94
CA VAL A 145 -47.05 -16.73 25.80
C VAL A 145 -46.52 -18.14 26.09
N ARG A 146 -45.95 -18.32 27.29
CA ARG A 146 -45.52 -19.66 27.69
C ARG A 146 -46.67 -20.66 27.62
N ALA A 147 -47.81 -20.29 28.23
CA ALA A 147 -48.98 -21.16 28.20
C ALA A 147 -49.42 -21.48 26.78
N THR A 148 -49.25 -20.53 25.85
CA THR A 148 -49.65 -20.78 24.47
C THR A 148 -48.65 -21.71 23.78
N TYR A 149 -47.36 -21.60 24.12
CA TYR A 149 -46.38 -22.54 23.60
C TYR A 149 -46.70 -23.97 24.06
N ALA A 150 -47.02 -24.13 25.35
CA ALA A 150 -47.39 -25.44 25.86
C ALA A 150 -48.68 -25.94 25.21
N LEU A 151 -49.65 -25.04 25.01
CA LEU A 151 -50.92 -25.42 24.41
C LEU A 151 -50.73 -25.92 22.97
N LEU A 152 -49.95 -25.19 22.18
CA LEU A 152 -49.67 -25.65 20.81
C LEU A 152 -48.86 -26.93 20.83
N ALA A 153 -47.97 -27.09 21.81
CA ALA A 153 -47.22 -28.35 21.93
C ALA A 153 -48.15 -29.52 22.19
N LYS A 154 -49.19 -29.31 23.01
CA LYS A 154 -50.15 -30.38 23.25
C LYS A 154 -51.03 -30.62 22.03
N GLN A 155 -51.39 -29.54 21.32
CA GLN A 155 -52.32 -29.68 20.19
C GLN A 155 -51.65 -30.35 19.00
N TYR A 156 -50.36 -30.10 18.78
CA TYR A 156 -49.64 -30.73 17.69
C TYR A 156 -48.79 -31.91 18.12
N GLY A 157 -48.63 -32.13 19.42
CA GLY A 157 -47.88 -33.28 19.90
C GLY A 157 -46.40 -33.21 19.62
N VAL A 158 -45.78 -32.11 20.01
CA VAL A 158 -44.34 -31.90 19.85
C VAL A 158 -43.71 -31.85 21.24
N THR A 159 -42.57 -32.52 21.40
CA THR A 159 -41.84 -32.49 22.66
C THR A 159 -41.19 -31.12 22.82
N TRP A 160 -41.65 -30.37 23.81
CA TRP A 160 -41.22 -28.98 24.02
C TRP A 160 -40.42 -28.87 25.31
N ASN A 161 -39.25 -28.20 25.21
CA ASN A 161 -38.42 -27.93 26.36
C ASN A 161 -38.06 -26.46 26.53
N GLY A 162 -38.46 -25.59 25.59
CA GLY A 162 -38.20 -24.17 25.73
C GLY A 162 -37.54 -23.53 24.52
N ARG A 163 -37.69 -22.21 24.39
CA ARG A 163 -37.05 -21.46 23.32
C ARG A 163 -35.58 -21.26 23.68
N ARG A 164 -34.74 -22.15 23.19
CA ARG A 164 -33.29 -22.09 23.39
C ARG A 164 -32.66 -21.86 22.02
N TYR A 165 -32.22 -20.63 21.79
CA TYR A 165 -31.65 -20.21 20.52
C TYR A 165 -30.19 -19.84 20.73
N ASP A 166 -29.32 -20.35 19.85
CA ASP A 166 -27.90 -20.02 19.89
C ASP A 166 -27.52 -19.34 18.59
N PRO A 167 -27.32 -18.03 18.57
CA PRO A 167 -27.01 -17.34 17.30
C PRO A 167 -25.66 -17.71 16.70
N LYS A 168 -25.10 -18.86 17.11
CA LYS A 168 -23.81 -19.32 16.62
C LYS A 168 -23.94 -20.57 15.75
N ASP A 169 -24.48 -21.66 16.32
CA ASP A 169 -24.56 -22.93 15.60
C ASP A 169 -25.80 -23.05 14.73
N TRP A 170 -26.94 -22.55 15.20
CA TRP A 170 -28.19 -22.65 14.46
C TRP A 170 -28.53 -24.10 14.13
N ASP A 174 -32.10 -28.39 17.64
CA ASP A 174 -33.54 -28.45 17.86
C ASP A 174 -34.30 -27.93 16.65
N THR A 175 -35.32 -28.67 16.23
CA THR A 175 -36.05 -28.31 15.02
C THR A 175 -37.24 -27.39 15.28
N ILE A 176 -37.92 -27.55 16.42
CA ILE A 176 -39.08 -26.73 16.71
C ILE A 176 -38.69 -25.26 16.87
N ASN A 177 -37.63 -24.98 17.63
CA ASN A 177 -37.15 -23.62 17.75
C ASN A 177 -36.61 -23.09 16.42
N GLN A 178 -36.20 -23.99 15.53
CA GLN A 178 -35.78 -23.59 14.20
C GLN A 178 -36.96 -23.08 13.37
N CYS A 179 -38.02 -23.89 13.26
CA CYS A 179 -39.21 -23.47 12.53
C CYS A 179 -39.81 -22.20 13.13
N ILE A 180 -39.93 -22.16 14.46
CA ILE A 180 -40.43 -20.98 15.14
C ILE A 180 -39.57 -19.77 14.79
N SER A 181 -38.25 -19.92 14.81
CA SER A 181 -37.36 -18.82 14.48
C SER A 181 -37.60 -18.31 13.07
N ALA A 182 -37.63 -19.21 12.08
CA ALA A 182 -37.85 -18.80 10.70
C ALA A 182 -39.19 -18.10 10.54
N ALA A 183 -40.24 -18.66 11.12
CA ALA A 183 -41.57 -18.07 11.01
C ALA A 183 -41.61 -16.68 11.61
N THR A 184 -41.06 -16.52 12.82
CA THR A 184 -41.00 -15.20 13.43
C THR A 184 -40.21 -14.23 12.57
N SER A 185 -39.19 -14.71 11.87
CA SER A 185 -38.43 -13.85 10.97
C SER A 185 -39.30 -13.37 9.80
N CYS A 186 -40.06 -14.29 9.19
CA CYS A 186 -40.96 -13.90 8.12
C CYS A 186 -41.97 -12.88 8.61
N LEU A 187 -42.62 -13.15 9.75
CA LEU A 187 -43.60 -12.21 10.29
C LEU A 187 -42.98 -10.86 10.62
N TYR A 188 -41.72 -10.86 11.07
CA TYR A 188 -41.01 -9.59 11.21
C TYR A 188 -40.88 -8.91 9.86
N GLY A 189 -40.69 -9.69 8.79
CA GLY A 189 -40.66 -9.16 7.45
C GLY A 189 -41.95 -8.44 7.08
N VAL A 190 -43.08 -9.17 7.09
CA VAL A 190 -44.34 -8.56 6.69
C VAL A 190 -44.72 -7.42 7.62
N THR A 191 -44.35 -7.52 8.89
CA THR A 191 -44.68 -6.46 9.84
C THR A 191 -43.89 -5.19 9.54
N GLU A 192 -42.58 -5.31 9.30
CA GLU A 192 -41.78 -4.15 8.93
C GLU A 192 -42.27 -3.56 7.61
N ALA A 193 -42.65 -4.42 6.66
CA ALA A 193 -43.21 -3.94 5.40
C ALA A 193 -44.49 -3.14 5.64
N ALA A 194 -45.31 -3.59 6.58
CA ALA A 194 -46.56 -2.90 6.86
C ALA A 194 -46.31 -1.56 7.53
N ILE A 195 -45.39 -1.52 8.50
CA ILE A 195 -45.07 -0.27 9.16
C ILE A 195 -44.48 0.73 8.17
N LEU A 196 -43.71 0.24 7.20
CA LEU A 196 -43.18 1.13 6.18
C LEU A 196 -44.29 1.65 5.27
N ALA A 197 -45.18 0.76 4.83
CA ALA A 197 -46.28 1.18 3.96
C ALA A 197 -47.20 2.15 4.67
N ALA A 198 -47.32 2.05 6.00
CA ALA A 198 -48.15 2.98 6.76
C ALA A 198 -47.47 4.33 6.93
N GLY A 199 -46.14 4.36 6.98
CA GLY A 199 -45.42 5.60 7.12
C GLY A 199 -44.89 5.89 8.51
N TYR A 200 -44.67 4.87 9.34
CA TYR A 200 -44.18 5.04 10.69
C TYR A 200 -42.76 4.49 10.80
N ALA A 201 -42.19 4.58 12.01
CA ALA A 201 -40.82 4.15 12.28
C ALA A 201 -40.81 2.78 12.92
N PRO A 202 -40.09 1.81 12.35
CA PRO A 202 -40.02 0.48 12.96
C PRO A 202 -39.21 0.42 14.23
N ALA A 203 -38.42 1.46 14.54
CA ALA A 203 -37.56 1.44 15.72
C ALA A 203 -38.26 1.96 16.97
N ILE A 204 -39.31 2.76 16.82
CA ILE A 204 -39.98 3.39 17.96
C ILE A 204 -41.07 2.43 18.44
N GLY A 205 -40.83 1.79 19.59
CA GLY A 205 -41.75 0.82 20.15
C GLY A 205 -42.29 1.26 21.50
N PHE A 206 -43.21 0.45 22.03
CA PHE A 206 -43.90 0.75 23.29
C PHE A 206 -43.66 -0.33 24.34
N VAL A 207 -43.98 -1.58 24.04
CA VAL A 207 -43.57 -2.68 24.92
C VAL A 207 -42.07 -2.92 24.80
N HIS A 208 -41.57 -2.99 23.56
CA HIS A 208 -40.15 -3.16 23.30
C HIS A 208 -39.51 -1.80 23.05
N THR A 209 -38.27 -1.65 23.51
CA THR A 209 -37.56 -0.38 23.41
C THR A 209 -36.09 -0.63 23.18
N GLY A 210 -35.42 0.32 22.55
CA GLY A 210 -33.98 0.25 22.33
C GLY A 210 -33.57 -0.34 21.01
N LYS A 211 -34.11 -1.51 20.69
CA LYS A 211 -33.76 -2.20 19.45
C LYS A 211 -34.23 -1.39 18.24
N PRO A 212 -33.70 -1.69 17.05
CA PRO A 212 -34.14 -0.97 15.84
C PRO A 212 -35.42 -1.52 15.23
N LEU A 213 -36.02 -2.56 15.81
CA LEU A 213 -37.24 -3.15 15.29
C LEU A 213 -38.23 -3.41 16.42
N SER A 214 -38.25 -2.53 17.43
CA SER A 214 -39.07 -2.77 18.61
C SER A 214 -40.55 -2.83 18.25
N PHE A 215 -41.04 -1.80 17.54
CA PHE A 215 -42.44 -1.78 17.15
C PHE A 215 -42.80 -2.99 16.29
N VAL A 216 -41.87 -3.40 15.42
CA VAL A 216 -42.07 -4.63 14.65
C VAL A 216 -42.27 -5.81 15.58
N TYR A 217 -41.50 -5.86 16.67
CA TYR A 217 -41.67 -6.93 17.64
C TYR A 217 -43.00 -6.82 18.37
N ASP A 218 -43.52 -5.60 18.56
CA ASP A 218 -44.81 -5.42 19.20
C ASP A 218 -45.94 -5.93 18.33
N ILE A 219 -46.06 -5.41 17.10
CA ILE A 219 -47.11 -5.84 16.20
C ILE A 219 -47.02 -7.34 15.94
N ALA A 220 -45.81 -7.83 15.64
CA ALA A 220 -45.62 -9.26 15.46
C ALA A 220 -46.09 -10.05 16.67
N ASP A 221 -45.79 -9.56 17.87
CA ASP A 221 -46.28 -10.23 19.07
C ASP A 221 -47.80 -10.18 19.18
N ILE A 222 -48.42 -9.16 18.56
CA ILE A 222 -49.88 -9.11 18.55
C ILE A 222 -50.44 -10.22 17.68
N ILE A 223 -49.89 -10.41 16.47
CA ILE A 223 -50.47 -11.40 15.57
C ILE A 223 -49.54 -12.60 15.42
N LYS A 224 -48.81 -12.94 16.48
CA LYS A 224 -47.89 -14.06 16.39
C LYS A 224 -48.65 -15.37 16.36
N PHE A 225 -49.29 -15.74 17.46
CA PHE A 225 -49.87 -17.06 17.61
C PHE A 225 -51.17 -17.24 16.83
N ASP A 226 -51.54 -16.29 15.98
CA ASP A 226 -52.82 -16.39 15.29
C ASP A 226 -52.77 -17.41 14.15
N THR A 227 -51.72 -17.35 13.33
CA THR A 227 -51.66 -18.19 12.13
C THR A 227 -50.30 -18.83 11.91
N VAL A 228 -49.22 -18.08 12.13
CA VAL A 228 -47.92 -18.53 11.68
C VAL A 228 -47.34 -19.63 12.58
N VAL A 229 -47.42 -19.45 13.90
CA VAL A 229 -46.78 -20.38 14.82
C VAL A 229 -47.46 -21.74 14.80
N PRO A 230 -48.81 -21.84 14.78
CA PRO A 230 -49.42 -23.16 14.59
C PRO A 230 -48.97 -23.85 13.32
N LYS A 231 -48.76 -23.10 12.24
CA LYS A 231 -48.21 -23.68 11.02
C LYS A 231 -46.78 -24.17 11.26
N ALA A 232 -45.99 -23.41 12.03
CA ALA A 232 -44.64 -23.85 12.36
C ALA A 232 -44.67 -25.17 13.12
N PHE A 233 -45.62 -25.32 14.05
CA PHE A 233 -45.76 -26.59 14.74
C PHE A 233 -46.24 -27.70 13.82
N GLU A 234 -47.03 -27.37 12.78
CA GLU A 234 -47.40 -28.38 11.80
C GLU A 234 -46.18 -28.86 11.00
N ILE A 235 -45.32 -27.92 10.58
CA ILE A 235 -44.14 -28.29 9.81
C ILE A 235 -43.17 -29.08 10.68
N ALA A 236 -42.99 -28.67 11.93
CA ALA A 236 -42.17 -29.45 12.86
C ALA A 236 -42.78 -30.82 13.12
N ARG A 237 -44.11 -30.92 13.06
CA ARG A 237 -44.75 -32.23 13.18
C ARG A 237 -44.42 -33.11 11.98
N ARG A 238 -44.43 -32.54 10.77
CA ARG A 238 -44.08 -33.32 9.60
C ARG A 238 -42.57 -33.60 9.54
N ASN A 239 -41.76 -32.75 10.16
CA ASN A 239 -40.31 -32.92 10.26
C ASN A 239 -39.68 -33.10 8.88
N PRO A 240 -39.57 -32.04 8.10
CA PRO A 240 -39.01 -32.15 6.75
C PRO A 240 -37.49 -32.10 6.76
N GLY A 241 -36.91 -32.38 5.60
CA GLY A 241 -35.47 -32.27 5.45
C GLY A 241 -34.98 -30.83 5.50
N GLU A 242 -35.68 -29.94 4.80
CA GLU A 242 -35.34 -28.51 4.77
C GLU A 242 -36.47 -27.74 5.43
N PRO A 243 -36.46 -27.60 6.76
CA PRO A 243 -37.56 -26.90 7.43
C PRO A 243 -37.61 -25.41 7.13
N ASP A 244 -36.46 -24.77 6.91
CA ASP A 244 -36.46 -23.34 6.63
C ASP A 244 -37.26 -23.02 5.38
N ARG A 245 -37.02 -23.77 4.30
CA ARG A 245 -37.70 -23.49 3.03
C ARG A 245 -39.20 -23.70 3.16
N GLU A 246 -39.62 -24.79 3.80
CA GLU A 246 -41.04 -25.05 3.96
C GLU A 246 -41.72 -24.02 4.87
N VAL A 247 -41.01 -23.54 5.89
CA VAL A 247 -41.59 -22.53 6.77
C VAL A 247 -41.75 -21.21 6.04
N ARG A 248 -40.71 -20.78 5.32
CA ARG A 248 -40.80 -19.53 4.56
C ARG A 248 -41.88 -19.60 3.49
N LEU A 249 -41.99 -20.74 2.80
CA LEU A 249 -42.98 -20.85 1.74
C LEU A 249 -44.39 -20.95 2.31
N ALA A 250 -44.56 -21.66 3.42
CA ALA A 250 -45.87 -21.71 4.06
C ALA A 250 -46.28 -20.33 4.57
N CYS A 251 -45.33 -19.58 5.11
CA CYS A 251 -45.63 -18.19 5.50
C CYS A 251 -45.98 -17.36 4.28
N ARG A 252 -45.33 -17.60 3.14
CA ARG A 252 -45.72 -16.91 1.91
C ARG A 252 -47.16 -17.23 1.54
N ASP A 253 -47.55 -18.50 1.66
CA ASP A 253 -48.91 -18.89 1.33
C ASP A 253 -49.92 -18.26 2.29
N ILE A 254 -49.60 -18.22 3.58
CA ILE A 254 -50.53 -17.64 4.55
C ILE A 254 -50.64 -16.14 4.35
N PHE A 255 -49.51 -15.46 4.15
CA PHE A 255 -49.54 -14.02 3.94
C PHE A 255 -50.21 -13.67 2.62
N ARG A 256 -50.22 -14.57 1.65
CA ARG A 256 -50.86 -14.30 0.37
C ARG A 256 -52.37 -14.56 0.42
N SER A 257 -52.75 -15.80 0.74
CA SER A 257 -54.18 -16.15 0.76
C SER A 257 -54.93 -15.42 1.86
N SER A 258 -54.23 -15.06 2.94
CA SER A 258 -54.86 -14.33 4.04
C SER A 258 -54.69 -12.82 3.92
N LYS A 259 -53.88 -12.35 2.96
CA LYS A 259 -53.62 -10.92 2.76
C LYS A 259 -53.34 -10.23 4.10
N THR A 260 -52.44 -10.83 4.87
CA THR A 260 -52.15 -10.32 6.20
C THR A 260 -51.51 -8.94 6.15
N LEU A 261 -50.67 -8.70 5.15
CA LEU A 261 -50.01 -7.41 5.04
C LEU A 261 -51.01 -6.29 4.78
N ALA A 262 -52.01 -6.56 3.94
CA ALA A 262 -53.05 -5.56 3.67
C ALA A 262 -53.81 -5.22 4.95
N LYS A 263 -54.14 -6.23 5.75
CA LYS A 263 -54.89 -5.99 6.98
C LYS A 263 -54.03 -5.39 8.09
N LEU A 264 -52.71 -5.47 7.97
CA LEU A 264 -51.84 -5.00 9.04
C LEU A 264 -51.85 -3.49 9.16
N ILE A 265 -51.96 -2.78 8.04
CA ILE A 265 -51.94 -1.31 8.07
C ILE A 265 -53.09 -0.75 8.90
N PRO A 266 -54.35 -1.15 8.70
CA PRO A 266 -55.41 -0.63 9.57
C PRO A 266 -55.18 -0.98 11.03
N LEU A 267 -54.63 -2.15 11.31
CA LEU A 267 -54.31 -2.52 12.68
C LEU A 267 -53.29 -1.57 13.29
N ILE A 268 -52.23 -1.24 12.52
CA ILE A 268 -51.19 -0.37 13.05
C ILE A 268 -51.74 1.04 13.28
N GLU A 269 -52.42 1.59 12.27
CA GLU A 269 -52.99 2.93 12.43
C GLU A 269 -54.04 2.98 13.55
N ASP A 270 -54.67 1.85 13.87
CA ASP A 270 -55.60 1.80 15.00
C ASP A 270 -54.86 1.76 16.32
N VAL A 271 -53.84 0.91 16.43
CA VAL A 271 -53.04 0.82 17.65
C VAL A 271 -52.46 2.20 17.99
N LEU A 272 -51.89 2.87 16.99
CA LEU A 272 -51.37 4.22 17.24
C LEU A 272 -52.51 5.22 17.41
N ALA A 273 -53.67 4.95 16.80
CA ALA A 273 -54.82 5.80 17.01
C ALA A 273 -55.34 5.72 18.44
N ALA A 274 -54.95 4.68 19.19
CA ALA A 274 -55.39 4.55 20.58
C ALA A 274 -54.91 5.68 21.48
N GLY A 275 -53.97 6.51 21.02
CA GLY A 275 -53.52 7.62 21.82
C GLY A 275 -54.47 8.81 21.80
N GLU A 276 -55.30 8.91 20.77
CA GLU A 276 -56.28 9.99 20.63
C GLU A 276 -55.58 11.35 20.60
N ILE A 277 -54.86 11.58 19.50
CA ILE A 277 -54.25 12.88 19.22
C ILE A 277 -54.56 13.20 17.76
N GLN A 278 -55.46 12.42 17.15
CA GLN A 278 -55.88 12.57 15.77
C GLN A 278 -54.68 12.39 14.83
N PRO A 279 -54.32 11.16 14.50
CA PRO A 279 -53.21 10.95 13.56
C PRO A 279 -53.63 11.29 12.14
N PRO A 280 -52.79 12.02 11.40
CA PRO A 280 -53.14 12.42 10.03
C PRO A 280 -52.69 11.40 8.98
N THR B 2 -20.62 -21.81 4.20
CA THR B 2 -19.89 -20.75 3.52
C THR B 2 -20.72 -19.46 3.46
N TRP B 3 -21.45 -19.19 4.54
CA TRP B 3 -22.30 -18.01 4.63
C TRP B 3 -21.90 -17.23 5.86
N LEU B 4 -21.15 -16.15 5.66
CA LEU B 4 -20.71 -15.29 6.75
C LEU B 4 -21.46 -13.96 6.71
N PRO B 5 -21.73 -13.36 7.87
CA PRO B 5 -22.48 -12.09 7.88
C PRO B 5 -21.70 -10.97 7.21
N LEU B 6 -22.33 -10.34 6.23
CA LEU B 6 -21.73 -9.26 5.46
C LEU B 6 -22.03 -7.96 6.19
N ASN B 7 -21.02 -7.39 6.88
CA ASN B 7 -21.28 -6.21 7.68
C ASN B 7 -20.74 -4.96 7.00
N PRO B 8 -21.41 -3.82 7.15
CA PRO B 8 -20.94 -2.59 6.53
C PRO B 8 -19.74 -2.01 7.26
N ILE B 9 -19.06 -1.08 6.60
CA ILE B 9 -17.84 -0.48 7.12
C ILE B 9 -18.10 0.98 7.46
N PRO B 10 -17.34 1.58 8.37
CA PRO B 10 -17.64 2.96 8.78
C PRO B 10 -17.70 3.94 7.62
N LEU B 11 -18.47 5.01 7.81
CA LEU B 11 -18.71 5.97 6.74
C LEU B 11 -17.47 6.83 6.48
N LYS B 12 -16.70 7.14 7.52
CA LYS B 12 -15.52 7.97 7.34
C LYS B 12 -14.42 7.23 6.58
N ASP B 13 -14.39 5.90 6.68
CA ASP B 13 -13.42 5.08 5.95
C ASP B 13 -13.97 4.60 4.62
N ARG B 14 -14.71 5.45 3.91
CA ARG B 14 -15.35 5.09 2.65
C ARG B 14 -15.10 6.15 1.59
N VAL B 15 -15.13 5.73 0.34
CA VAL B 15 -15.06 6.68 -0.77
C VAL B 15 -16.32 7.52 -0.79
N SER B 16 -16.19 8.75 -1.29
CA SER B 16 -17.30 9.69 -1.35
C SER B 16 -18.47 9.15 -2.18
N MET B 17 -18.38 9.27 -3.51
CA MET B 17 -19.52 8.99 -4.37
C MET B 17 -19.05 8.35 -5.67
N ILE B 18 -19.97 7.61 -6.30
CA ILE B 18 -19.73 6.97 -7.59
C ILE B 18 -20.93 7.26 -8.49
N PHE B 19 -20.67 7.56 -9.76
CA PHE B 19 -21.72 7.80 -10.74
C PHE B 19 -21.70 6.69 -11.78
N LEU B 20 -22.86 6.06 -11.98
CA LEU B 20 -23.06 5.07 -13.03
C LEU B 20 -24.15 5.57 -13.97
N GLN B 21 -24.03 5.20 -15.25
CA GLN B 21 -24.99 5.68 -16.24
C GLN B 21 -25.04 4.72 -17.42
N TYR B 22 -26.24 4.60 -17.99
CA TYR B 22 -26.50 3.89 -19.24
C TYR B 22 -25.99 2.45 -19.18
N GLY B 23 -26.52 1.72 -18.22
CA GLY B 23 -26.18 0.32 -18.09
C GLY B 23 -26.93 -0.33 -16.94
N GLN B 24 -27.08 -1.64 -17.03
CA GLN B 24 -27.84 -2.37 -16.03
C GLN B 24 -26.96 -2.73 -14.84
N ILE B 25 -27.53 -2.62 -13.65
CA ILE B 25 -26.84 -2.94 -12.41
C ILE B 25 -27.27 -4.34 -11.99
N ASP B 26 -26.32 -5.28 -11.99
CA ASP B 26 -26.60 -6.66 -11.63
C ASP B 26 -25.70 -7.08 -10.48
N VAL B 27 -26.09 -8.17 -9.81
CA VAL B 27 -25.26 -8.81 -8.80
C VAL B 27 -24.65 -10.05 -9.42
N ILE B 28 -23.32 -10.07 -9.51
CA ILE B 28 -22.59 -11.20 -10.08
C ILE B 28 -21.72 -11.80 -8.99
N ASP B 29 -22.04 -13.04 -8.61
CA ASP B 29 -21.27 -13.78 -7.61
C ASP B 29 -21.12 -12.99 -6.32
N GLY B 30 -22.16 -12.22 -5.98
CA GLY B 30 -22.16 -11.42 -4.78
C GLY B 30 -21.57 -10.04 -4.91
N ALA B 31 -21.37 -9.55 -6.13
CA ALA B 31 -20.67 -8.29 -6.35
C ALA B 31 -21.49 -7.34 -7.22
N PHE B 32 -21.40 -6.06 -6.85
CA PHE B 32 -22.05 -4.96 -7.56
C PHE B 32 -21.39 -4.76 -8.91
N VAL B 33 -22.10 -5.11 -9.98
CA VAL B 33 -21.57 -5.07 -11.33
C VAL B 33 -22.42 -4.14 -12.18
N LEU B 34 -21.78 -3.26 -12.95
CA LEU B 34 -22.47 -2.42 -13.91
C LEU B 34 -22.13 -2.90 -15.31
N ILE B 35 -23.10 -3.50 -15.98
CA ILE B 35 -22.91 -3.99 -17.35
C ILE B 35 -23.40 -2.91 -18.31
N ASP B 36 -22.65 -2.68 -19.37
CA ASP B 36 -23.01 -1.68 -20.36
C ASP B 36 -23.81 -2.33 -21.49
N LYS B 37 -24.28 -1.50 -22.43
CA LYS B 37 -25.01 -2.02 -23.58
C LYS B 37 -24.13 -2.91 -24.45
N THR B 38 -22.81 -2.70 -24.39
CA THR B 38 -21.84 -3.49 -25.14
C THR B 38 -21.42 -4.76 -24.41
N GLY B 39 -21.77 -4.90 -23.14
CA GLY B 39 -21.46 -6.10 -22.38
C GLY B 39 -20.27 -6.00 -21.47
N ILE B 40 -19.68 -4.83 -21.32
CA ILE B 40 -18.46 -4.67 -20.53
C ILE B 40 -18.82 -4.52 -19.06
N ARG B 41 -18.32 -5.42 -18.22
CA ARG B 41 -18.67 -5.46 -16.82
C ARG B 41 -17.74 -4.58 -16.00
N THR B 42 -18.32 -3.66 -15.24
CA THR B 42 -17.57 -2.76 -14.37
C THR B 42 -17.87 -3.17 -12.93
N HIS B 43 -16.95 -3.89 -12.32
CA HIS B 43 -17.10 -4.23 -10.91
C HIS B 43 -16.97 -2.96 -10.07
N ILE B 44 -17.89 -2.79 -9.13
CA ILE B 44 -17.94 -1.62 -8.28
C ILE B 44 -17.74 -2.08 -6.84
N PRO B 45 -16.88 -1.43 -6.07
CA PRO B 45 -16.72 -1.77 -4.64
C PRO B 45 -17.82 -1.11 -3.79
N VAL B 46 -19.00 -1.73 -3.82
CA VAL B 46 -20.17 -1.13 -3.19
C VAL B 46 -19.99 -1.04 -1.67
N GLY B 47 -19.17 -1.91 -1.08
CA GLY B 47 -19.01 -1.90 0.37
C GLY B 47 -18.20 -0.72 0.86
N SER B 48 -17.20 -0.30 0.08
CA SER B 48 -16.29 0.76 0.49
C SER B 48 -16.71 2.14 -0.03
N VAL B 49 -17.97 2.28 -0.46
CA VAL B 49 -18.51 3.56 -0.90
C VAL B 49 -19.77 3.85 -0.07
N ALA B 50 -19.89 5.09 0.39
CA ALA B 50 -21.01 5.47 1.26
C ALA B 50 -22.29 5.69 0.46
N CYS B 51 -22.18 6.25 -0.74
CA CYS B 51 -23.36 6.59 -1.53
C CYS B 51 -23.06 6.36 -3.01
N ILE B 52 -24.00 5.71 -3.70
CA ILE B 52 -23.92 5.48 -5.15
C ILE B 52 -25.04 6.27 -5.80
N MET B 53 -24.68 7.24 -6.64
CA MET B 53 -25.65 8.06 -7.34
C MET B 53 -25.87 7.51 -8.74
N LEU B 54 -27.12 7.25 -9.08
CA LEU B 54 -27.51 6.61 -10.33
C LEU B 54 -28.08 7.65 -11.28
N GLU B 55 -27.50 7.74 -12.47
CA GLU B 55 -27.95 8.69 -13.48
C GLU B 55 -28.98 8.04 -14.40
N PRO B 56 -29.74 8.85 -15.14
CA PRO B 56 -30.69 8.28 -16.11
C PRO B 56 -30.01 7.31 -17.06
N GLY B 57 -30.71 6.21 -17.36
CA GLY B 57 -30.18 5.16 -18.20
C GLY B 57 -29.81 3.89 -17.46
N THR B 58 -29.96 3.87 -16.14
CA THR B 58 -29.58 2.71 -15.33
C THR B 58 -30.79 1.84 -15.05
N ARG B 59 -30.55 0.53 -14.99
CA ARG B 59 -31.59 -0.46 -14.68
C ARG B 59 -31.09 -1.36 -13.56
N VAL B 60 -31.47 -1.04 -12.33
CA VAL B 60 -31.00 -1.73 -11.14
C VAL B 60 -31.81 -3.00 -10.91
N SER B 61 -31.15 -4.06 -10.47
CA SER B 61 -31.83 -5.31 -10.17
C SER B 61 -32.18 -5.41 -8.68
N HIS B 62 -33.02 -6.39 -8.37
CA HIS B 62 -33.45 -6.60 -6.99
C HIS B 62 -32.27 -6.92 -6.08
N ALA B 63 -31.50 -7.96 -6.45
CA ALA B 63 -30.33 -8.32 -5.68
C ALA B 63 -29.33 -7.17 -5.56
N ALA B 64 -29.34 -6.25 -6.54
CA ALA B 64 -28.46 -5.10 -6.47
C ALA B 64 -28.85 -4.17 -5.33
N VAL B 65 -30.14 -3.89 -5.17
CA VAL B 65 -30.59 -3.01 -4.10
C VAL B 65 -30.48 -3.72 -2.76
N ARG B 66 -30.69 -5.04 -2.75
CA ARG B 66 -30.44 -5.81 -1.52
C ARG B 66 -28.99 -5.68 -1.10
N LEU B 67 -28.06 -5.90 -2.04
CA LEU B 67 -26.64 -5.84 -1.72
C LEU B 67 -26.25 -4.44 -1.24
N ALA B 68 -26.61 -3.41 -2.01
CA ALA B 68 -26.31 -2.04 -1.61
C ALA B 68 -26.92 -1.69 -0.27
N ALA B 69 -28.05 -2.31 0.07
CA ALA B 69 -28.67 -2.09 1.38
C ALA B 69 -27.89 -2.76 2.50
N GLN B 70 -27.38 -3.97 2.27
CA GLN B 70 -26.70 -4.69 3.36
C GLN B 70 -25.37 -4.06 3.71
N VAL B 71 -24.75 -3.30 2.81
CA VAL B 71 -23.36 -2.87 3.04
C VAL B 71 -23.42 -1.42 3.48
N GLY B 72 -24.64 -0.97 3.76
CA GLY B 72 -24.89 0.40 4.15
C GLY B 72 -24.57 1.42 3.09
N THR B 73 -24.90 1.16 1.82
CA THR B 73 -24.62 2.07 0.72
C THR B 73 -25.93 2.68 0.23
N LEU B 74 -26.08 3.98 0.38
CA LEU B 74 -27.31 4.65 -0.04
C LEU B 74 -27.35 4.77 -1.56
N LEU B 75 -28.46 4.35 -2.15
CA LEU B 75 -28.64 4.47 -3.60
C LEU B 75 -29.49 5.69 -3.90
N VAL B 76 -28.97 6.60 -4.73
CA VAL B 76 -29.61 7.87 -5.01
C VAL B 76 -29.84 7.98 -6.52
N TRP B 77 -31.10 7.87 -6.94
CA TRP B 77 -31.45 8.18 -8.32
C TRP B 77 -31.48 9.69 -8.48
N VAL B 78 -30.62 10.22 -9.35
CA VAL B 78 -30.52 11.65 -9.58
C VAL B 78 -30.93 11.96 -11.00
N GLY B 79 -31.26 13.23 -11.23
CA GLY B 79 -31.70 13.68 -12.53
C GLY B 79 -30.75 14.68 -13.16
N GLU B 80 -31.30 15.73 -13.75
CA GLU B 80 -30.49 16.75 -14.39
C GLU B 80 -29.60 17.46 -13.37
N ALA B 81 -28.32 17.58 -13.68
CA ALA B 81 -27.33 18.23 -12.82
C ALA B 81 -27.18 17.52 -11.47
N GLY B 82 -27.51 16.24 -11.42
CA GLY B 82 -27.38 15.42 -10.23
C GLY B 82 -28.30 15.76 -9.09
N VAL B 83 -29.40 16.49 -9.33
CA VAL B 83 -30.37 16.75 -8.27
C VAL B 83 -31.04 15.43 -7.88
N ARG B 84 -31.22 15.23 -6.59
CA ARG B 84 -31.76 13.95 -6.12
C ARG B 84 -33.24 13.81 -6.46
N VAL B 85 -33.58 12.74 -7.16
CA VAL B 85 -34.96 12.40 -7.46
C VAL B 85 -35.50 11.39 -6.46
N TYR B 86 -34.76 10.31 -6.22
CA TYR B 86 -35.23 9.28 -5.30
C TYR B 86 -34.05 8.69 -4.57
N ALA B 87 -34.34 7.92 -3.52
CA ALA B 87 -33.30 7.31 -2.70
C ALA B 87 -33.83 6.01 -2.12
N SER B 88 -32.90 5.09 -1.83
CA SER B 88 -33.24 3.81 -1.23
C SER B 88 -32.12 3.39 -0.28
N GLY B 89 -32.50 2.83 0.86
CA GLY B 89 -31.55 2.38 1.84
C GLY B 89 -32.16 1.42 2.84
N GLN B 90 -31.35 1.06 3.83
CA GLN B 90 -31.74 0.16 4.91
C GLN B 90 -32.89 0.76 5.71
N PRO B 91 -34.07 0.14 5.69
CA PRO B 91 -35.21 0.74 6.37
C PRO B 91 -35.16 0.63 7.89
N GLY B 92 -34.59 -0.44 8.42
CA GLY B 92 -34.43 -0.62 9.85
C GLY B 92 -33.13 -0.12 10.43
N GLY B 93 -32.37 0.68 9.68
CA GLY B 93 -31.10 1.17 10.15
C GLY B 93 -31.21 2.47 10.92
N ALA B 94 -32.17 2.56 11.83
CA ALA B 94 -32.35 3.74 12.65
C ALA B 94 -32.26 3.35 14.13
N ARG B 95 -31.72 4.27 14.93
CA ARG B 95 -31.54 4.04 16.36
C ARG B 95 -32.72 4.61 17.13
N SER B 96 -33.32 3.77 17.98
CA SER B 96 -34.49 4.18 18.74
C SER B 96 -34.17 5.35 19.66
N ASP B 97 -33.05 5.28 20.38
CA ASP B 97 -32.69 6.36 21.29
C ASP B 97 -32.46 7.66 20.54
N LYS B 98 -31.79 7.59 19.40
CA LYS B 98 -31.46 8.82 18.68
C LYS B 98 -32.68 9.38 17.96
N LEU B 99 -33.54 8.51 17.44
CA LEU B 99 -34.80 8.98 16.86
C LEU B 99 -35.67 9.66 17.91
N LEU B 100 -35.80 9.03 19.08
CA LEU B 100 -36.60 9.63 20.15
C LEU B 100 -35.98 10.91 20.68
N TYR B 101 -34.66 11.02 20.64
CA TYR B 101 -34.00 12.26 21.05
C TYR B 101 -34.24 13.38 20.05
N GLN B 102 -34.00 13.10 18.77
CA GLN B 102 -34.27 14.07 17.71
C GLN B 102 -35.72 14.52 17.72
N ALA B 103 -36.65 13.58 17.83
CA ALA B 103 -38.06 13.93 17.81
C ALA B 103 -38.48 14.67 19.07
N LYS B 104 -37.89 14.30 20.22
CA LYS B 104 -38.18 15.04 21.44
C LYS B 104 -37.73 16.49 21.33
N LEU B 105 -36.54 16.73 20.76
CA LEU B 105 -36.08 18.09 20.48
C LEU B 105 -36.93 18.81 19.43
N ALA B 106 -37.56 18.07 18.50
CA ALA B 106 -38.39 18.67 17.45
C ALA B 106 -39.78 19.05 17.89
N LEU B 107 -40.40 18.27 18.78
CA LEU B 107 -41.77 18.54 19.18
C LEU B 107 -41.87 19.87 19.91
N ASP B 108 -41.16 20.00 21.03
CA ASP B 108 -41.24 21.23 21.82
C ASP B 108 -40.71 22.41 21.02
N GLU B 109 -41.42 23.55 21.15
CA GLU B 109 -41.02 24.73 20.39
C GLU B 109 -39.75 25.36 20.96
N ASP B 110 -39.57 25.30 22.28
CA ASP B 110 -38.40 25.93 22.89
C ASP B 110 -37.11 25.20 22.50
N LEU B 111 -37.11 23.87 22.63
CA LEU B 111 -35.94 23.09 22.21
C LEU B 111 -35.69 23.24 20.72
N ARG B 112 -36.75 23.32 19.91
CA ARG B 112 -36.60 23.55 18.48
C ARG B 112 -35.92 24.88 18.22
N LEU B 113 -36.30 25.93 18.97
CA LEU B 113 -35.63 27.22 18.81
C LEU B 113 -34.17 27.14 19.25
N LYS B 114 -33.88 26.35 20.28
CA LYS B 114 -32.50 26.17 20.70
C LYS B 114 -31.67 25.49 19.61
N VAL B 115 -32.25 24.50 18.94
CA VAL B 115 -31.53 23.82 17.86
C VAL B 115 -31.33 24.77 16.68
N VAL B 116 -32.34 25.57 16.35
CA VAL B 116 -32.20 26.53 15.25
C VAL B 116 -31.10 27.54 15.56
N ARG B 117 -31.09 28.07 16.79
CA ARG B 117 -30.04 28.99 17.18
C ARG B 117 -28.66 28.33 17.13
N LYS B 118 -28.58 27.07 17.54
CA LYS B 118 -27.31 26.35 17.44
C LYS B 118 -26.85 26.23 16.00
N MET B 119 -27.79 25.99 15.08
CA MET B 119 -27.42 25.91 13.67
C MET B 119 -26.94 27.26 13.14
N PHE B 120 -27.61 28.35 13.54
CA PHE B 120 -27.18 29.68 13.13
C PHE B 120 -25.77 29.98 13.62
N GLU B 121 -25.53 29.77 14.92
CA GLU B 121 -24.23 30.07 15.49
C GLU B 121 -23.13 29.19 14.88
N LEU B 122 -23.40 27.89 14.72
CA LEU B 122 -22.42 27.02 14.11
C LEU B 122 -22.18 27.33 12.64
N ARG B 123 -23.13 27.99 11.98
CA ARG B 123 -22.93 28.36 10.58
C ARG B 123 -22.13 29.64 10.45
N PHE B 124 -22.59 30.72 11.07
CA PHE B 124 -21.97 32.02 10.89
C PHE B 124 -20.91 32.33 11.94
N GLY B 125 -20.70 31.44 12.91
CA GLY B 125 -19.74 31.70 13.96
C GLY B 125 -20.13 32.77 14.94
N GLU B 126 -21.37 33.26 14.88
CA GLU B 126 -21.84 34.31 15.77
C GLU B 126 -23.25 33.99 16.22
N PRO B 127 -23.61 34.37 17.44
CA PRO B 127 -24.95 34.06 17.95
C PRO B 127 -26.03 34.81 17.19
N ALA B 128 -27.20 34.16 17.08
CA ALA B 128 -28.33 34.76 16.42
C ALA B 128 -28.89 35.90 17.27
N PRO B 129 -29.60 36.86 16.64
CA PRO B 129 -30.23 37.92 17.42
C PRO B 129 -31.25 37.36 18.41
N ALA B 130 -31.43 38.09 19.51
CA ALA B 130 -32.26 37.63 20.61
C ALA B 130 -33.73 37.94 20.35
N ARG B 131 -34.59 37.08 20.91
CA ARG B 131 -36.05 37.23 20.81
C ARG B 131 -36.52 37.28 19.37
N ARG B 132 -36.04 36.34 18.57
CA ARG B 132 -36.38 36.24 17.16
C ARG B 132 -37.01 34.88 16.86
N SER B 133 -38.08 34.90 16.07
CA SER B 133 -38.80 33.68 15.72
C SER B 133 -38.07 32.92 14.63
N VAL B 134 -38.54 31.70 14.36
CA VAL B 134 -37.92 30.86 13.33
C VAL B 134 -38.00 31.55 11.98
N GLU B 135 -39.13 32.21 11.68
CA GLU B 135 -39.26 32.90 10.40
C GLU B 135 -38.31 34.07 10.28
N GLN B 136 -38.05 34.77 11.39
CA GLN B 136 -37.12 35.89 11.35
C GLN B 136 -35.69 35.42 11.18
N LEU B 137 -35.31 34.34 11.87
CA LEU B 137 -33.99 33.75 11.65
C LEU B 137 -33.85 33.22 10.23
N ARG B 138 -34.95 32.77 9.62
CA ARG B 138 -34.90 32.32 8.24
C ARG B 138 -34.78 33.48 7.27
N GLY B 139 -35.40 34.63 7.60
CA GLY B 139 -35.24 35.81 6.76
C GLY B 139 -33.83 36.37 6.82
N ILE B 140 -33.29 36.52 8.03
CA ILE B 140 -31.90 36.93 8.18
C ILE B 140 -30.98 35.94 7.48
N GLU B 141 -31.30 34.65 7.57
CA GLU B 141 -30.53 33.64 6.84
C GLU B 141 -30.58 33.88 5.35
N GLY B 142 -31.75 34.26 4.82
CA GLY B 142 -31.85 34.55 3.39
C GLY B 142 -31.03 35.76 2.98
N SER B 143 -31.06 36.82 3.81
CA SER B 143 -30.26 38.00 3.52
C SER B 143 -28.77 37.66 3.51
N ARG B 144 -28.31 36.94 4.54
CA ARG B 144 -26.90 36.54 4.59
C ARG B 144 -26.53 35.62 3.43
N VAL B 145 -27.47 34.78 2.97
CA VAL B 145 -27.22 33.92 1.83
C VAL B 145 -27.02 34.75 0.56
N ARG B 146 -27.90 35.74 0.35
CA ARG B 146 -27.74 36.59 -0.83
C ARG B 146 -26.43 37.37 -0.76
N ALA B 147 -26.06 37.86 0.43
CA ALA B 147 -24.78 38.55 0.57
C ALA B 147 -23.62 37.62 0.29
N THR B 148 -23.76 36.33 0.60
CA THR B 148 -22.69 35.37 0.30
C THR B 148 -22.63 35.10 -1.20
N TYR B 149 -23.77 35.10 -1.89
CA TYR B 149 -23.75 34.91 -3.34
C TYR B 149 -23.13 36.11 -4.05
N ALA B 150 -23.42 37.32 -3.58
CA ALA B 150 -22.80 38.50 -4.17
C ALA B 150 -21.31 38.57 -3.86
N LEU B 151 -20.94 38.17 -2.63
CA LEU B 151 -19.52 38.20 -2.24
C LEU B 151 -18.70 37.18 -3.01
N LEU B 152 -19.22 35.95 -3.15
CA LEU B 152 -18.51 34.96 -3.97
C LEU B 152 -18.49 35.37 -5.44
N ALA B 153 -19.59 35.94 -5.93
CA ALA B 153 -19.63 36.41 -7.31
C ALA B 153 -18.58 37.47 -7.57
N LYS B 154 -18.34 38.35 -6.60
CA LYS B 154 -17.30 39.37 -6.76
C LYS B 154 -15.91 38.80 -6.57
N GLN B 155 -15.75 37.81 -5.68
CA GLN B 155 -14.44 37.23 -5.44
C GLN B 155 -13.94 36.45 -6.65
N TYR B 156 -14.79 35.59 -7.20
CA TYR B 156 -14.39 34.71 -8.29
C TYR B 156 -14.73 35.25 -9.67
N GLY B 157 -15.39 36.40 -9.75
CA GLY B 157 -15.70 37.00 -11.04
C GLY B 157 -16.60 36.15 -11.91
N VAL B 158 -17.85 35.99 -11.50
CA VAL B 158 -18.84 35.24 -12.25
C VAL B 158 -20.03 36.17 -12.49
N THR B 159 -20.47 36.27 -13.75
CA THR B 159 -21.62 37.09 -14.07
C THR B 159 -22.86 36.53 -13.38
N TRP B 160 -23.36 37.26 -12.38
CA TRP B 160 -24.46 36.81 -11.54
C TRP B 160 -25.69 37.68 -11.76
N ASN B 161 -26.84 37.04 -11.90
CA ASN B 161 -28.11 37.73 -12.07
C ASN B 161 -29.19 37.29 -11.09
N GLY B 162 -28.99 36.20 -10.37
CA GLY B 162 -29.97 35.73 -9.41
C GLY B 162 -29.89 34.23 -9.25
N ARG B 163 -30.39 33.75 -8.11
CA ARG B 163 -30.43 32.31 -7.83
C ARG B 163 -31.62 31.70 -8.53
N ARG B 164 -31.37 30.71 -9.39
CA ARG B 164 -32.42 30.06 -10.16
C ARG B 164 -32.33 28.55 -9.96
N TYR B 165 -33.37 27.97 -9.38
CA TYR B 165 -33.43 26.54 -9.10
C TYR B 165 -33.93 25.75 -10.31
N ASP B 166 -35.06 26.17 -10.88
CA ASP B 166 -35.61 25.48 -12.05
C ASP B 166 -34.68 25.66 -13.23
N PRO B 167 -34.19 24.58 -13.85
CA PRO B 167 -33.23 24.74 -14.97
C PRO B 167 -33.79 25.51 -16.15
N LYS B 168 -35.11 25.64 -16.25
CA LYS B 168 -35.72 26.41 -17.34
C LYS B 168 -35.32 27.87 -17.28
N ASP B 174 -25.03 30.27 -18.73
CA ASP B 174 -25.12 30.51 -17.30
C ASP B 174 -24.20 29.57 -16.53
N THR B 175 -24.60 28.30 -16.48
CA THR B 175 -23.80 27.21 -15.93
C THR B 175 -23.59 27.31 -14.43
N ILE B 176 -23.33 28.52 -13.93
CA ILE B 176 -22.96 28.72 -12.52
C ILE B 176 -23.95 28.02 -11.59
N ASN B 177 -25.23 28.40 -11.69
CA ASN B 177 -26.27 27.75 -10.89
C ASN B 177 -26.18 26.24 -11.00
N GLN B 178 -26.12 25.73 -12.24
CA GLN B 178 -25.96 24.30 -12.47
C GLN B 178 -24.84 23.73 -11.61
N CYS B 179 -23.65 24.32 -11.71
CA CYS B 179 -22.53 23.88 -10.89
C CYS B 179 -22.93 23.83 -9.42
N ILE B 180 -23.46 24.94 -8.90
CA ILE B 180 -23.93 24.98 -7.53
C ILE B 180 -24.91 23.84 -7.28
N SER B 181 -25.92 23.72 -8.15
CA SER B 181 -26.91 22.66 -7.99
C SER B 181 -26.25 21.29 -7.96
N ALA B 182 -25.24 21.09 -8.82
CA ALA B 182 -24.47 19.86 -8.74
C ALA B 182 -23.77 19.76 -7.39
N ALA B 183 -22.94 20.77 -7.07
CA ALA B 183 -22.11 20.74 -5.87
C ALA B 183 -22.95 20.50 -4.63
N THR B 184 -23.82 21.48 -4.33
CA THR B 184 -24.75 21.32 -3.22
C THR B 184 -25.46 19.98 -3.26
N SER B 185 -25.90 19.56 -4.46
CA SER B 185 -26.58 18.28 -4.59
C SER B 185 -25.74 17.16 -3.98
N CYS B 186 -24.48 17.05 -4.40
CA CYS B 186 -23.59 16.06 -3.82
C CYS B 186 -23.53 16.19 -2.31
N LEU B 187 -23.34 17.42 -1.82
CA LEU B 187 -23.30 17.65 -0.38
C LEU B 187 -24.57 17.15 0.27
N TYR B 188 -25.73 17.42 -0.33
CA TYR B 188 -26.97 16.86 0.19
C TYR B 188 -26.87 15.34 0.25
N GLY B 189 -26.53 14.71 -0.88
CA GLY B 189 -26.44 13.27 -0.98
C GLY B 189 -25.64 12.64 0.13
N VAL B 190 -24.32 12.89 0.15
CA VAL B 190 -23.49 12.34 1.22
C VAL B 190 -24.07 12.68 2.57
N THR B 191 -24.57 13.92 2.74
CA THR B 191 -25.12 14.34 4.01
C THR B 191 -26.21 13.37 4.47
N GLU B 192 -27.17 13.08 3.58
CA GLU B 192 -28.23 12.14 3.91
C GLU B 192 -27.66 10.83 4.41
N ALA B 193 -26.66 10.29 3.69
CA ALA B 193 -26.04 9.04 4.09
C ALA B 193 -25.56 9.10 5.54
N ALA B 194 -24.86 10.19 5.88
CA ALA B 194 -24.39 10.37 7.25
C ALA B 194 -25.54 10.20 8.23
N ILE B 195 -26.65 10.90 7.98
CA ILE B 195 -27.78 10.84 8.89
C ILE B 195 -28.29 9.40 9.00
N LEU B 196 -28.36 8.71 7.87
CA LEU B 196 -28.77 7.31 7.90
C LEU B 196 -27.76 6.47 8.68
N ALA B 197 -26.47 6.71 8.43
CA ALA B 197 -25.44 6.02 9.22
C ALA B 197 -25.53 6.38 10.68
N ALA B 198 -26.11 7.54 11.01
CA ALA B 198 -26.26 7.96 12.39
C ALA B 198 -27.62 7.56 12.96
N GLY B 199 -28.44 6.86 12.19
CA GLY B 199 -29.70 6.36 12.70
C GLY B 199 -30.72 7.42 13.08
N TYR B 200 -30.66 8.58 12.44
CA TYR B 200 -31.65 9.62 12.66
C TYR B 200 -32.69 9.61 11.55
N ALA B 201 -33.59 10.59 11.60
CA ALA B 201 -34.43 10.67 10.42
C ALA B 201 -34.02 11.85 9.56
N PRO B 202 -34.07 11.70 8.23
CA PRO B 202 -33.76 12.83 7.35
C PRO B 202 -34.91 13.82 7.20
N ALA B 203 -36.14 13.45 7.56
CA ALA B 203 -37.30 14.31 7.34
C ALA B 203 -37.63 15.22 8.51
N ILE B 204 -37.20 14.87 9.72
CA ILE B 204 -37.50 15.64 10.92
C ILE B 204 -36.56 16.84 11.02
N GLY B 205 -36.95 17.96 10.42
CA GLY B 205 -36.13 19.15 10.43
C GLY B 205 -36.51 20.12 11.54
N PHE B 206 -35.79 21.24 11.58
CA PHE B 206 -36.02 22.28 12.56
C PHE B 206 -36.28 23.63 11.90
N VAL B 207 -35.40 24.08 11.00
CA VAL B 207 -35.66 25.29 10.24
C VAL B 207 -36.57 24.99 9.06
N HIS B 208 -36.26 23.94 8.31
CA HIS B 208 -37.10 23.47 7.22
C HIS B 208 -38.05 22.41 7.74
N THR B 209 -39.29 22.44 7.24
CA THR B 209 -40.30 21.48 7.66
C THR B 209 -41.11 21.03 6.45
N GLY B 210 -41.74 19.88 6.59
CA GLY B 210 -42.62 19.32 5.57
C GLY B 210 -41.93 18.47 4.52
N LYS B 211 -40.73 18.85 4.11
CA LYS B 211 -40.02 18.13 3.05
C LYS B 211 -39.46 16.81 3.59
N PRO B 212 -39.32 15.80 2.73
CA PRO B 212 -38.85 14.49 3.21
C PRO B 212 -37.39 14.48 3.62
N LEU B 213 -36.64 15.55 3.35
CA LEU B 213 -35.22 15.61 3.67
C LEU B 213 -34.89 16.94 4.37
N SER B 214 -35.86 17.53 5.05
CA SER B 214 -35.70 18.86 5.64
C SER B 214 -34.45 18.94 6.50
N PHE B 215 -34.31 18.01 7.46
CA PHE B 215 -33.14 18.01 8.34
C PHE B 215 -31.85 18.02 7.55
N VAL B 216 -31.79 17.21 6.47
CA VAL B 216 -30.59 17.20 5.63
C VAL B 216 -30.27 18.60 5.16
N TYR B 217 -31.27 19.28 4.58
CA TYR B 217 -31.06 20.65 4.10
C TYR B 217 -30.50 21.53 5.21
N ASP B 218 -30.94 21.32 6.45
CA ASP B 218 -30.39 22.07 7.56
C ASP B 218 -28.90 21.80 7.71
N ILE B 219 -28.54 20.52 7.85
CA ILE B 219 -27.15 20.17 8.17
C ILE B 219 -26.22 20.66 7.08
N ALA B 220 -26.54 20.34 5.82
CA ALA B 220 -25.75 20.85 4.70
C ALA B 220 -25.66 22.37 4.73
N ASP B 221 -26.77 23.05 5.03
CA ASP B 221 -26.74 24.51 5.04
C ASP B 221 -25.83 25.08 6.11
N ILE B 222 -25.27 24.24 6.99
CA ILE B 222 -24.30 24.72 7.97
C ILE B 222 -22.95 24.97 7.31
N ILE B 223 -22.59 24.12 6.33
CA ILE B 223 -21.23 24.08 5.81
C ILE B 223 -21.17 24.29 4.30
N LYS B 224 -22.31 24.44 3.62
CA LYS B 224 -22.30 24.49 2.16
C LYS B 224 -21.45 25.65 1.65
N PHE B 225 -21.65 26.85 2.20
CA PHE B 225 -20.88 28.01 1.82
C PHE B 225 -19.51 28.07 2.50
N ASP B 226 -19.20 27.11 3.37
CA ASP B 226 -17.88 27.09 3.98
C ASP B 226 -16.81 26.63 3.00
N THR B 227 -17.16 25.68 2.13
CA THR B 227 -16.18 25.12 1.20
C THR B 227 -16.81 24.73 -0.14
N VAL B 228 -18.06 24.25 -0.13
CA VAL B 228 -18.60 23.59 -1.31
C VAL B 228 -19.02 24.61 -2.37
N VAL B 229 -19.78 25.62 -1.96
CA VAL B 229 -20.29 26.63 -2.89
C VAL B 229 -19.13 27.42 -3.50
N PRO B 230 -18.21 28.02 -2.72
CA PRO B 230 -17.12 28.75 -3.37
C PRO B 230 -16.34 27.90 -4.36
N LYS B 231 -16.02 26.66 -3.97
CA LYS B 231 -15.33 25.75 -4.89
C LYS B 231 -16.11 25.57 -6.18
N ALA B 232 -17.44 25.39 -6.07
CA ALA B 232 -18.27 25.34 -7.26
C ALA B 232 -18.08 26.59 -8.11
N PHE B 233 -18.08 27.77 -7.48
CA PHE B 233 -17.80 29.00 -8.21
C PHE B 233 -16.52 28.89 -9.02
N GLU B 234 -15.48 28.28 -8.44
CA GLU B 234 -14.22 28.10 -9.15
C GLU B 234 -14.44 27.44 -10.50
N ILE B 235 -15.19 26.34 -10.51
CA ILE B 235 -15.46 25.64 -11.77
C ILE B 235 -16.14 26.58 -12.74
N ALA B 236 -17.12 27.35 -12.26
CA ALA B 236 -17.80 28.32 -13.11
C ALA B 236 -16.82 29.33 -13.69
N ARG B 237 -15.83 29.75 -12.89
CA ARG B 237 -14.83 30.70 -13.38
C ARG B 237 -14.15 30.18 -14.63
N ARG B 238 -14.01 28.86 -14.76
CA ARG B 238 -13.39 28.29 -15.95
C ARG B 238 -14.40 27.98 -17.04
N ASN B 239 -15.67 27.79 -16.70
CA ASN B 239 -16.72 27.44 -17.65
C ASN B 239 -16.29 26.27 -18.52
N PRO B 240 -16.16 25.07 -17.97
CA PRO B 240 -15.66 23.94 -18.77
C PRO B 240 -16.76 23.36 -19.65
N GLY B 241 -16.34 22.46 -20.55
CA GLY B 241 -17.29 21.83 -21.45
C GLY B 241 -18.13 20.76 -20.78
N GLU B 242 -17.51 19.98 -19.89
CA GLU B 242 -18.21 19.01 -19.08
C GLU B 242 -18.14 19.45 -17.62
N PRO B 243 -18.98 20.41 -17.20
CA PRO B 243 -18.87 20.94 -15.85
C PRO B 243 -19.17 19.89 -14.78
N ASP B 244 -20.35 19.27 -14.90
CA ASP B 244 -20.86 18.31 -13.94
C ASP B 244 -19.77 17.39 -13.44
N ARG B 245 -19.25 16.53 -14.32
CA ARG B 245 -18.15 15.62 -13.99
C ARG B 245 -17.08 16.31 -13.17
N GLU B 246 -16.49 17.38 -13.71
CA GLU B 246 -15.45 18.11 -12.99
C GLU B 246 -15.92 18.52 -11.61
N VAL B 247 -17.09 19.17 -11.54
CA VAL B 247 -17.68 19.53 -10.25
C VAL B 247 -17.71 18.32 -9.33
N ARG B 248 -18.24 17.20 -9.83
CA ARG B 248 -18.23 15.97 -9.05
C ARG B 248 -16.85 15.72 -8.47
N LEU B 249 -15.85 15.61 -9.35
CA LEU B 249 -14.47 15.41 -8.91
C LEU B 249 -14.11 16.41 -7.82
N ALA B 250 -14.31 17.70 -8.10
CA ALA B 250 -13.97 18.73 -7.13
C ALA B 250 -14.61 18.43 -5.78
N CYS B 251 -15.92 18.16 -5.80
CA CYS B 251 -16.62 17.84 -4.56
C CYS B 251 -15.95 16.68 -3.84
N ARG B 252 -15.67 15.60 -4.57
CA ARG B 252 -14.95 14.47 -3.98
C ARG B 252 -13.70 14.95 -3.28
N ASP B 253 -12.87 15.72 -3.98
CA ASP B 253 -11.63 16.20 -3.39
C ASP B 253 -11.90 17.02 -2.14
N ILE B 254 -12.93 17.87 -2.19
CA ILE B 254 -13.30 18.64 -1.00
C ILE B 254 -13.70 17.69 0.12
N PHE B 255 -14.55 16.71 -0.20
CA PHE B 255 -14.95 15.73 0.80
C PHE B 255 -13.77 14.96 1.35
N ARG B 256 -12.65 14.94 0.64
CA ARG B 256 -11.42 14.40 1.22
C ARG B 256 -10.71 15.47 2.03
N SER B 257 -10.51 16.65 1.44
CA SER B 257 -9.66 17.66 2.06
C SER B 257 -10.23 18.13 3.39
N SER B 258 -11.55 18.25 3.48
CA SER B 258 -12.20 18.63 4.72
C SER B 258 -12.53 17.44 5.61
N LYS B 259 -12.38 16.21 5.09
CA LYS B 259 -12.75 15.00 5.82
C LYS B 259 -14.21 15.09 6.29
N THR B 260 -15.07 15.58 5.40
CA THR B 260 -16.45 15.89 5.75
C THR B 260 -17.16 14.69 6.35
N LEU B 261 -16.99 13.50 5.73
CA LEU B 261 -17.67 12.30 6.21
C LEU B 261 -17.38 12.01 7.67
N ALA B 262 -16.22 12.44 8.17
CA ALA B 262 -15.90 12.23 9.57
C ALA B 262 -16.47 13.30 10.49
N LYS B 263 -16.65 14.52 9.99
CA LYS B 263 -17.06 15.63 10.84
C LYS B 263 -18.56 15.86 10.85
N LEU B 264 -19.32 15.13 10.04
CA LEU B 264 -20.76 15.36 9.99
C LEU B 264 -21.45 14.82 11.24
N ILE B 265 -21.17 13.58 11.61
CA ILE B 265 -21.85 12.97 12.76
C ILE B 265 -21.60 13.74 14.05
N PRO B 266 -20.36 14.06 14.44
CA PRO B 266 -20.20 14.92 15.62
C PRO B 266 -20.98 16.22 15.51
N LEU B 267 -20.83 16.93 14.39
CA LEU B 267 -21.53 18.19 14.17
C LEU B 267 -23.03 18.04 14.43
N ILE B 268 -23.67 17.09 13.74
CA ILE B 268 -25.08 16.81 13.99
C ILE B 268 -25.33 16.64 15.49
N GLU B 269 -24.56 15.75 16.13
CA GLU B 269 -24.70 15.56 17.56
C GLU B 269 -24.54 16.89 18.30
N ASP B 270 -23.51 17.65 17.94
CA ASP B 270 -23.30 18.96 18.54
C ASP B 270 -24.55 19.81 18.43
N VAL B 271 -25.16 19.83 17.24
CA VAL B 271 -26.39 20.58 17.05
C VAL B 271 -27.45 20.11 18.03
N LEU B 272 -27.69 18.80 18.09
CA LEU B 272 -28.66 18.27 19.02
C LEU B 272 -28.21 18.46 20.46
N ALA B 273 -26.91 18.65 20.69
CA ALA B 273 -26.43 18.97 22.03
C ALA B 273 -26.99 20.28 22.54
N ALA B 274 -27.56 21.11 21.66
CA ALA B 274 -28.25 22.31 22.09
C ALA B 274 -29.50 22.02 22.91
N GLY B 275 -30.00 20.78 22.86
CA GLY B 275 -31.17 20.41 23.61
C GLY B 275 -30.95 20.43 25.12
N SER C 16 52.85 -12.34 -9.27
CA SER C 16 52.23 -11.21 -9.93
C SER C 16 50.71 -11.39 -9.99
N MET C 17 50.19 -11.79 -11.15
CA MET C 17 48.75 -11.95 -11.35
C MET C 17 48.48 -13.21 -12.17
N ILE C 18 47.21 -13.54 -12.31
CA ILE C 18 46.78 -14.75 -13.01
C ILE C 18 45.31 -14.61 -13.36
N PHE C 19 44.94 -15.11 -14.54
CA PHE C 19 43.55 -15.08 -15.02
C PHE C 19 42.93 -16.47 -14.93
N LEU C 20 41.78 -16.55 -14.27
CA LEU C 20 41.04 -17.80 -14.14
C LEU C 20 39.71 -17.68 -14.86
N GLN C 21 39.36 -18.72 -15.62
CA GLN C 21 38.20 -18.65 -16.50
C GLN C 21 37.63 -20.05 -16.70
N TYR C 22 36.30 -20.13 -16.76
CA TYR C 22 35.55 -21.34 -17.08
C TYR C 22 35.95 -22.51 -16.17
N GLY C 23 35.51 -22.40 -14.91
CA GLY C 23 35.79 -23.45 -13.96
C GLY C 23 35.31 -23.09 -12.58
N GLN C 24 35.53 -24.00 -11.65
CA GLN C 24 35.18 -23.82 -10.25
C GLN C 24 36.45 -23.69 -9.41
N ILE C 25 36.37 -22.86 -8.38
CA ILE C 25 37.49 -22.61 -7.46
C ILE C 25 37.19 -23.31 -6.14
N ASP C 26 38.02 -24.27 -5.77
CA ASP C 26 37.88 -24.98 -4.51
C ASP C 26 39.22 -25.04 -3.80
N VAL C 27 39.22 -25.67 -2.63
CA VAL C 27 40.43 -25.90 -1.84
C VAL C 27 40.49 -27.39 -1.55
N ILE C 28 41.40 -28.08 -2.22
CA ILE C 28 41.58 -29.52 -2.04
C ILE C 28 42.91 -29.73 -1.34
N ASP C 29 42.86 -30.09 -0.06
CA ASP C 29 44.04 -30.47 0.72
C ASP C 29 45.07 -29.35 0.81
N GLY C 30 44.59 -28.13 1.07
CA GLY C 30 45.47 -27.03 1.44
C GLY C 30 45.88 -26.09 0.35
N ALA C 31 45.48 -26.33 -0.90
CA ALA C 31 45.87 -25.47 -2.00
C ALA C 31 44.65 -25.15 -2.87
N PHE C 32 44.80 -24.12 -3.69
CA PHE C 32 43.73 -23.76 -4.61
C PHE C 32 43.62 -24.80 -5.72
N VAL C 33 42.40 -25.00 -6.21
CA VAL C 33 42.17 -25.86 -7.36
C VAL C 33 41.12 -25.22 -8.25
N LEU C 34 41.33 -25.28 -9.56
CA LEU C 34 40.35 -24.84 -10.54
C LEU C 34 39.93 -26.05 -11.38
N ILE C 35 38.68 -26.44 -11.24
CA ILE C 35 38.12 -27.56 -12.00
C ILE C 35 37.58 -27.03 -13.32
N ASP C 36 37.91 -27.72 -14.40
CA ASP C 36 37.47 -27.35 -15.74
C ASP C 36 36.24 -28.18 -16.13
N LYS C 37 35.62 -27.79 -17.26
CA LYS C 37 34.45 -28.50 -17.75
C LYS C 37 34.77 -29.92 -18.21
N THR C 38 36.03 -30.18 -18.58
CA THR C 38 36.47 -31.51 -19.00
C THR C 38 37.04 -32.32 -17.84
N GLY C 39 37.35 -31.70 -16.71
CA GLY C 39 37.89 -32.41 -15.57
C GLY C 39 39.37 -32.17 -15.31
N ILE C 40 39.92 -31.04 -15.74
CA ILE C 40 41.35 -30.78 -15.68
C ILE C 40 41.65 -29.95 -14.43
N ARG C 41 42.24 -30.60 -13.42
CA ARG C 41 42.56 -29.93 -12.17
C ARG C 41 43.71 -28.96 -12.36
N THR C 42 43.47 -27.69 -12.04
CA THR C 42 44.50 -26.64 -12.10
C THR C 42 44.82 -26.22 -10.67
N HIS C 43 45.77 -26.91 -10.05
CA HIS C 43 46.18 -26.55 -8.70
C HIS C 43 46.96 -25.26 -8.71
N ILE C 44 46.76 -24.44 -7.68
CA ILE C 44 47.46 -23.16 -7.57
C ILE C 44 47.96 -23.02 -6.13
N PRO C 45 49.25 -22.76 -5.96
CA PRO C 45 49.81 -22.59 -4.61
C PRO C 45 49.52 -21.20 -4.07
N VAL C 46 49.41 -21.13 -2.75
CA VAL C 46 48.94 -19.93 -2.08
C VAL C 46 49.89 -18.75 -2.30
N GLY C 47 51.13 -19.02 -2.69
CA GLY C 47 52.13 -17.99 -2.85
C GLY C 47 52.27 -17.51 -4.29
N SER C 48 53.14 -16.51 -4.46
CA SER C 48 53.54 -15.96 -5.75
C SER C 48 52.38 -15.36 -6.54
N VAL C 49 51.26 -15.08 -5.87
CA VAL C 49 50.11 -14.44 -6.49
C VAL C 49 49.63 -13.32 -5.57
N ALA C 50 49.77 -12.08 -6.02
CA ALA C 50 49.30 -10.92 -5.25
C ALA C 50 47.86 -10.54 -5.59
N CYS C 51 47.35 -11.00 -6.74
CA CYS C 51 46.01 -10.64 -7.18
C CYS C 51 45.51 -11.71 -8.13
N ILE C 52 44.44 -12.40 -7.75
CA ILE C 52 43.76 -13.37 -8.60
C ILE C 52 42.65 -12.64 -9.34
N MET C 53 42.60 -12.79 -10.67
CA MET C 53 41.60 -12.16 -11.49
C MET C 53 40.66 -13.21 -12.05
N LEU C 54 39.36 -13.03 -11.80
CA LEU C 54 38.34 -13.99 -12.20
C LEU C 54 37.57 -13.43 -13.39
N GLU C 55 37.53 -14.18 -14.47
CA GLU C 55 36.78 -13.85 -15.67
C GLU C 55 35.39 -14.46 -15.58
N PRO C 56 34.47 -14.08 -16.47
CA PRO C 56 33.15 -14.72 -16.48
C PRO C 56 33.25 -16.20 -16.76
N GLY C 57 32.54 -16.99 -15.97
CA GLY C 57 32.62 -18.43 -16.02
C GLY C 57 33.20 -19.06 -14.77
N THR C 58 33.31 -18.32 -13.67
CA THR C 58 34.01 -18.75 -12.48
C THR C 58 33.07 -18.77 -11.29
N ARG C 59 33.13 -19.85 -10.51
CA ARG C 59 32.35 -19.99 -9.28
C ARG C 59 33.32 -20.27 -8.14
N VAL C 60 33.21 -19.49 -7.07
CA VAL C 60 34.14 -19.55 -5.93
C VAL C 60 33.43 -20.19 -4.75
N SER C 61 34.08 -21.17 -4.13
CA SER C 61 33.54 -21.75 -2.90
C SER C 61 33.95 -20.93 -1.69
N HIS C 62 33.29 -21.20 -0.57
CA HIS C 62 33.51 -20.40 0.64
C HIS C 62 34.92 -20.60 1.19
N ALA C 63 35.37 -21.86 1.27
CA ALA C 63 36.71 -22.13 1.75
C ALA C 63 37.77 -21.44 0.90
N ALA C 64 37.51 -21.30 -0.40
CA ALA C 64 38.46 -20.62 -1.28
C ALA C 64 38.60 -19.15 -0.90
N VAL C 65 37.49 -18.47 -0.63
CA VAL C 65 37.56 -17.07 -0.24
C VAL C 65 38.16 -16.95 1.15
N ARG C 66 37.98 -17.97 1.99
CA ARG C 66 38.57 -17.94 3.34
C ARG C 66 40.08 -18.05 3.27
N LEU C 67 40.59 -18.99 2.47
CA LEU C 67 42.04 -19.14 2.31
C LEU C 67 42.66 -17.93 1.62
N ALA C 68 42.04 -17.46 0.54
CA ALA C 68 42.54 -16.27 -0.14
C ALA C 68 42.46 -15.03 0.75
N ALA C 69 41.57 -15.01 1.73
CA ALA C 69 41.51 -13.88 2.66
C ALA C 69 42.54 -14.00 3.77
N GLN C 70 42.90 -15.22 4.17
CA GLN C 70 43.85 -15.37 5.27
C GLN C 70 45.23 -14.86 4.88
N VAL C 71 45.61 -14.95 3.60
CA VAL C 71 46.99 -14.70 3.20
C VAL C 71 47.03 -13.35 2.51
N GLY C 72 45.91 -12.66 2.54
CA GLY C 72 45.76 -11.35 1.96
C GLY C 72 46.00 -11.37 0.48
N THR C 73 45.19 -12.17 -0.22
CA THR C 73 45.20 -12.24 -1.68
C THR C 73 44.01 -11.45 -2.20
N LEU C 74 44.29 -10.48 -3.08
CA LEU C 74 43.24 -9.64 -3.65
C LEU C 74 42.46 -10.41 -4.71
N LEU C 75 41.14 -10.40 -4.58
CA LEU C 75 40.24 -11.02 -5.53
C LEU C 75 39.51 -9.92 -6.29
N VAL C 76 39.57 -9.96 -7.62
CA VAL C 76 39.01 -8.92 -8.47
C VAL C 76 38.23 -9.59 -9.59
N TRP C 77 36.91 -9.48 -9.55
CA TRP C 77 36.03 -10.02 -10.58
C TRP C 77 36.02 -9.08 -11.77
N VAL C 78 36.60 -9.53 -12.88
CA VAL C 78 36.74 -8.72 -14.08
C VAL C 78 36.22 -9.51 -15.28
N GLY C 79 36.05 -8.80 -16.39
CA GLY C 79 35.54 -9.41 -17.59
C GLY C 79 36.52 -10.37 -18.24
N GLU C 80 36.28 -10.65 -19.53
CA GLU C 80 37.16 -11.54 -20.28
C GLU C 80 38.45 -10.83 -20.61
N ALA C 81 39.58 -11.38 -20.15
CA ALA C 81 40.90 -10.78 -20.31
C ALA C 81 40.95 -9.39 -19.69
N GLY C 82 40.22 -9.20 -18.59
CA GLY C 82 40.19 -7.92 -17.91
C GLY C 82 39.63 -6.78 -18.73
N VAL C 83 38.85 -7.09 -19.78
CA VAL C 83 38.35 -6.04 -20.66
C VAL C 83 37.44 -5.08 -19.89
N ARG C 84 36.76 -5.58 -18.85
CA ARG C 84 35.91 -4.74 -18.00
C ARG C 84 36.14 -5.14 -16.55
N VAL C 85 35.98 -4.14 -15.66
CA VAL C 85 36.12 -4.34 -14.22
C VAL C 85 34.73 -4.29 -13.60
N TYR C 86 34.33 -5.39 -12.96
CA TYR C 86 32.99 -5.50 -12.37
C TYR C 86 32.98 -5.38 -10.85
N ALA C 87 33.90 -6.06 -10.16
CA ALA C 87 33.99 -5.95 -8.71
C ALA C 87 35.41 -6.27 -8.28
N SER C 88 35.70 -6.05 -7.00
CA SER C 88 37.04 -6.29 -6.49
C SER C 88 36.97 -6.43 -4.97
N GLY C 89 37.68 -7.42 -4.44
CA GLY C 89 37.79 -7.56 -3.01
C GLY C 89 38.42 -6.34 -2.36
N GLN C 90 38.30 -6.28 -1.03
CA GLN C 90 38.77 -5.14 -0.25
C GLN C 90 38.31 -3.86 -0.91
N PRO C 91 37.03 -3.51 -0.79
CA PRO C 91 36.50 -2.37 -1.55
C PRO C 91 37.18 -1.07 -1.15
N GLY C 92 37.47 -0.24 -2.15
CA GLY C 92 38.00 1.08 -1.86
C GLY C 92 39.46 1.12 -1.50
N GLY C 93 40.13 0.01 -1.59
CA GLY C 93 41.57 -0.01 -1.35
C GLY C 93 41.86 -0.91 -0.19
N ALA C 94 42.96 -1.66 -0.30
CA ALA C 94 43.40 -2.59 0.72
C ALA C 94 44.61 -2.10 1.50
N ARG C 95 45.44 -1.24 0.90
CA ARG C 95 46.64 -0.73 1.54
C ARG C 95 46.44 0.75 1.88
N SER C 96 46.63 1.10 3.15
CA SER C 96 46.50 2.48 3.59
C SER C 96 47.68 3.34 3.16
N ASP C 97 48.89 2.76 3.17
CA ASP C 97 50.08 3.51 2.80
C ASP C 97 50.02 3.99 1.36
N LYS C 98 49.61 3.12 0.44
CA LYS C 98 49.57 3.51 -0.97
C LYS C 98 48.47 4.54 -1.22
N LEU C 99 47.33 4.41 -0.54
CA LEU C 99 46.26 5.39 -0.69
C LEU C 99 46.70 6.75 -0.19
N LEU C 100 47.29 6.80 1.01
CA LEU C 100 47.82 8.04 1.53
C LEU C 100 48.98 8.58 0.68
N TYR C 101 49.68 7.71 -0.06
CA TYR C 101 50.76 8.15 -0.92
C TYR C 101 50.22 8.84 -2.17
N GLN C 102 49.32 8.16 -2.89
CA GLN C 102 48.68 8.77 -4.05
C GLN C 102 47.95 10.05 -3.66
N ALA C 103 47.27 10.03 -2.50
CA ALA C 103 46.55 11.21 -2.05
C ALA C 103 47.50 12.35 -1.70
N LYS C 104 48.63 12.04 -1.06
CA LYS C 104 49.61 13.08 -0.77
C LYS C 104 50.21 13.65 -2.05
N LEU C 105 50.37 12.81 -3.08
CA LEU C 105 50.87 13.32 -4.35
C LEU C 105 49.84 14.19 -5.06
N ALA C 106 48.55 13.88 -4.92
CA ALA C 106 47.52 14.60 -5.65
C ALA C 106 47.03 15.85 -4.93
N LEU C 107 47.20 15.93 -3.60
CA LEU C 107 46.70 17.10 -2.88
C LEU C 107 47.55 18.34 -3.16
N ASP C 108 48.87 18.21 -3.07
CA ASP C 108 49.76 19.34 -3.28
C ASP C 108 49.87 19.66 -4.76
N GLU C 109 49.70 20.95 -5.10
CA GLU C 109 49.69 21.36 -6.50
C GLU C 109 51.05 21.16 -7.16
N ASP C 110 52.13 21.18 -6.39
CA ASP C 110 53.46 21.02 -6.97
C ASP C 110 53.75 19.56 -7.26
N LEU C 111 53.47 18.67 -6.31
CA LEU C 111 53.61 17.24 -6.56
C LEU C 111 52.63 16.78 -7.65
N ARG C 112 51.41 17.32 -7.62
CA ARG C 112 50.45 17.04 -8.69
C ARG C 112 50.98 17.50 -10.04
N LEU C 113 51.61 18.68 -10.08
CA LEU C 113 52.20 19.16 -11.33
C LEU C 113 53.34 18.26 -11.77
N LYS C 114 54.11 17.72 -10.82
CA LYS C 114 55.19 16.80 -11.17
C LYS C 114 54.65 15.50 -11.75
N VAL C 115 53.59 14.95 -11.17
CA VAL C 115 53.00 13.74 -11.70
C VAL C 115 52.38 13.99 -13.08
N VAL C 116 51.79 15.18 -13.26
CA VAL C 116 51.24 15.53 -14.57
C VAL C 116 52.34 15.63 -15.61
N ARG C 117 53.48 16.22 -15.24
CA ARG C 117 54.60 16.31 -16.18
C ARG C 117 55.20 14.94 -16.48
N LYS C 118 55.21 14.04 -15.49
CA LYS C 118 55.66 12.68 -15.75
C LYS C 118 54.72 11.96 -16.71
N MET C 119 53.41 12.12 -16.52
CA MET C 119 52.46 11.55 -17.46
C MET C 119 52.66 12.13 -18.86
N PHE C 120 52.94 13.43 -18.96
CA PHE C 120 53.22 14.03 -20.26
C PHE C 120 54.45 13.42 -20.90
N GLU C 121 55.51 13.21 -20.11
CA GLU C 121 56.76 12.69 -20.64
C GLU C 121 56.60 11.24 -21.11
N LEU C 122 55.99 10.40 -20.28
CA LEU C 122 55.77 9.01 -20.69
C LEU C 122 54.74 8.89 -21.78
N ARG C 123 53.88 9.89 -21.96
CA ARG C 123 52.85 9.86 -22.99
C ARG C 123 53.43 10.23 -24.36
N PHE C 124 54.10 11.38 -24.45
CA PHE C 124 54.60 11.88 -25.72
C PHE C 124 56.07 11.57 -25.96
N GLY C 125 56.81 11.14 -24.95
CA GLY C 125 58.22 10.83 -25.10
C GLY C 125 59.15 12.00 -24.93
N GLU C 126 58.65 13.15 -24.52
CA GLU C 126 59.45 14.35 -24.34
C GLU C 126 59.03 15.07 -23.08
N PRO C 127 59.96 15.74 -22.40
CA PRO C 127 59.60 16.47 -21.18
C PRO C 127 58.64 17.61 -21.48
N ALA C 128 57.80 17.93 -20.50
CA ALA C 128 56.83 18.99 -20.65
C ALA C 128 57.53 20.35 -20.65
N PRO C 129 56.92 21.36 -21.27
CA PRO C 129 57.51 22.71 -21.23
C PRO C 129 57.52 23.27 -19.82
N ALA C 130 58.57 24.02 -19.50
CA ALA C 130 58.76 24.53 -18.15
C ALA C 130 57.79 25.68 -17.85
N ARG C 131 57.50 25.84 -16.56
CA ARG C 131 56.63 26.91 -16.07
C ARG C 131 55.26 26.86 -16.72
N ARG C 132 54.69 25.65 -16.78
CA ARG C 132 53.36 25.44 -17.33
C ARG C 132 52.48 24.79 -16.27
N SER C 133 51.30 25.36 -16.06
CA SER C 133 50.37 24.86 -15.06
C SER C 133 49.68 23.59 -15.55
N VAL C 134 48.88 22.98 -14.68
CA VAL C 134 48.15 21.78 -15.06
C VAL C 134 47.13 22.09 -16.16
N GLU C 135 46.53 23.29 -16.10
CA GLU C 135 45.53 23.66 -17.10
C GLU C 135 46.16 23.82 -18.47
N GLN C 136 47.30 24.52 -18.54
CA GLN C 136 47.96 24.71 -19.82
C GLN C 136 48.44 23.38 -20.39
N LEU C 137 49.01 22.52 -19.54
CA LEU C 137 49.39 21.18 -19.98
C LEU C 137 48.18 20.39 -20.47
N ARG C 138 47.01 20.64 -19.88
CA ARG C 138 45.80 19.96 -20.32
C ARG C 138 45.36 20.44 -21.69
N GLY C 139 45.47 21.75 -21.94
CA GLY C 139 45.16 22.27 -23.27
C GLY C 139 46.12 21.76 -24.33
N ILE C 140 47.42 21.78 -24.03
CA ILE C 140 48.42 21.25 -24.98
C ILE C 140 48.15 19.78 -25.26
N GLU C 141 47.89 19.00 -24.20
CA GLU C 141 47.59 17.58 -24.38
C GLU C 141 46.34 17.38 -25.22
N GLY C 142 45.35 18.26 -25.05
CA GLY C 142 44.15 18.15 -25.87
C GLY C 142 44.42 18.41 -27.34
N SER C 143 45.17 19.49 -27.64
CA SER C 143 45.52 19.76 -29.03
C SER C 143 46.30 18.59 -29.63
N ARG C 144 47.23 18.02 -28.86
CA ARG C 144 47.97 16.84 -29.33
C ARG C 144 47.02 15.67 -29.60
N VAL C 145 45.99 15.52 -28.76
CA VAL C 145 45.01 14.48 -28.99
C VAL C 145 44.27 14.71 -30.31
N ARG C 146 43.93 15.96 -30.61
CA ARG C 146 43.33 16.27 -31.91
C ARG C 146 44.26 15.90 -33.05
N ALA C 147 45.55 16.25 -32.91
CA ALA C 147 46.52 15.90 -33.96
C ALA C 147 46.62 14.40 -34.15
N THR C 148 46.50 13.63 -33.06
CA THR C 148 46.55 12.18 -33.18
C THR C 148 45.30 11.65 -33.84
N TYR C 149 44.14 12.24 -33.53
CA TYR C 149 42.89 11.83 -34.17
C TYR C 149 42.94 12.05 -35.67
N ALA C 150 43.38 13.24 -36.09
CA ALA C 150 43.47 13.53 -37.52
C ALA C 150 44.54 12.66 -38.18
N LEU C 151 45.64 12.40 -37.47
CA LEU C 151 46.73 11.61 -38.04
C LEU C 151 46.29 10.17 -38.28
N LEU C 152 45.63 9.56 -37.29
CA LEU C 152 45.11 8.20 -37.48
C LEU C 152 44.01 8.17 -38.52
N ALA C 153 43.15 9.19 -38.54
CA ALA C 153 42.09 9.26 -39.54
C ALA C 153 42.66 9.34 -40.95
N LYS C 154 43.81 10.01 -41.11
CA LYS C 154 44.46 10.04 -42.42
C LYS C 154 45.19 8.75 -42.73
N GLN C 155 45.76 8.09 -41.71
CA GLN C 155 46.50 6.86 -41.95
C GLN C 155 45.56 5.72 -42.35
N TYR C 156 44.37 5.66 -41.73
CA TYR C 156 43.41 4.59 -42.01
C TYR C 156 42.30 5.01 -42.97
N GLY C 157 42.29 6.26 -43.41
CA GLY C 157 41.28 6.72 -44.34
C GLY C 157 39.88 6.68 -43.77
N VAL C 158 39.68 7.37 -42.64
CA VAL C 158 38.39 7.40 -41.95
C VAL C 158 37.91 8.85 -41.93
N THR C 159 36.65 9.05 -42.34
CA THR C 159 36.05 10.38 -42.33
C THR C 159 35.90 10.86 -40.89
N TRP C 160 36.67 11.89 -40.53
CA TRP C 160 36.69 12.43 -39.19
C TRP C 160 36.02 13.80 -39.17
N ASN C 161 35.15 14.02 -38.19
CA ASN C 161 34.46 15.29 -38.03
C ASN C 161 34.62 15.89 -36.64
N GLY C 162 35.11 15.12 -35.66
CA GLY C 162 35.27 15.62 -34.32
C GLY C 162 34.93 14.60 -33.25
N TYR C 165 29.45 12.54 -29.77
CA TYR C 165 28.51 11.44 -29.57
C TYR C 165 27.28 11.92 -28.81
N ASP C 166 26.14 11.26 -29.05
CA ASP C 166 24.90 11.63 -28.40
C ASP C 166 24.51 10.53 -27.42
N PRO C 167 24.37 10.85 -26.12
CA PRO C 167 24.04 9.85 -25.09
C PRO C 167 22.63 9.29 -25.26
N THR C 175 29.99 5.02 -36.93
CA THR C 175 30.55 3.78 -36.44
C THR C 175 31.96 4.00 -35.92
N ILE C 176 32.64 5.02 -36.44
CA ILE C 176 34.01 5.30 -36.03
C ILE C 176 34.04 5.75 -34.57
N ASN C 177 33.22 6.74 -34.21
CA ASN C 177 33.14 7.16 -32.81
C ASN C 177 32.65 6.02 -31.92
N GLN C 178 31.83 5.13 -32.47
CA GLN C 178 31.40 3.95 -31.72
C GLN C 178 32.59 3.07 -31.37
N CYS C 179 33.43 2.77 -32.38
CA CYS C 179 34.62 1.96 -32.13
C CYS C 179 35.58 2.65 -31.16
N ILE C 180 35.70 3.98 -31.29
CA ILE C 180 36.57 4.72 -30.39
C ILE C 180 36.08 4.61 -28.95
N SER C 181 34.78 4.82 -28.75
CA SER C 181 34.20 4.71 -27.42
C SER C 181 34.38 3.31 -26.85
N ALA C 182 34.17 2.28 -27.68
CA ALA C 182 34.33 0.91 -27.20
C ALA C 182 35.77 0.64 -26.79
N ALA C 183 36.73 1.00 -27.65
CA ALA C 183 38.13 0.78 -27.35
C ALA C 183 38.55 1.51 -26.07
N THR C 184 38.18 2.80 -25.97
CA THR C 184 38.50 3.56 -24.76
C THR C 184 37.85 2.95 -23.52
N SER C 185 36.68 2.32 -23.69
CA SER C 185 36.02 1.68 -22.56
C SER C 185 36.80 0.45 -22.10
N CYS C 186 37.20 -0.41 -23.05
CA CYS C 186 38.02 -1.56 -22.71
C CYS C 186 39.31 -1.13 -22.02
N LEU C 187 39.98 -0.12 -22.57
CA LEU C 187 41.23 0.35 -21.97
C LEU C 187 41.00 0.91 -20.58
N TYR C 188 39.88 1.63 -20.39
CA TYR C 188 39.49 2.00 -19.03
C TYR C 188 39.37 0.76 -18.15
N GLY C 189 38.90 -0.34 -18.73
CA GLY C 189 38.83 -1.61 -18.04
C GLY C 189 40.18 -2.09 -17.54
N VAL C 190 41.10 -2.38 -18.46
CA VAL C 190 42.39 -2.92 -18.05
C VAL C 190 43.13 -1.94 -17.14
N THR C 191 43.00 -0.64 -17.41
CA THR C 191 43.65 0.37 -16.57
C THR C 191 43.12 0.33 -15.15
N GLU C 192 41.79 0.29 -14.99
CA GLU C 192 41.21 0.16 -13.66
C GLU C 192 41.66 -1.13 -12.99
N ALA C 193 41.78 -2.21 -13.77
CA ALA C 193 42.30 -3.46 -13.23
C ALA C 193 43.70 -3.27 -12.65
N ALA C 194 44.55 -2.54 -13.37
CA ALA C 194 45.90 -2.31 -12.90
C ALA C 194 45.91 -1.43 -11.65
N ILE C 195 45.09 -0.39 -11.62
CA ILE C 195 45.06 0.51 -10.47
C ILE C 195 44.58 -0.23 -9.23
N LEU C 196 43.59 -1.12 -9.39
CA LEU C 196 43.10 -1.88 -8.24
C LEU C 196 44.11 -2.94 -7.81
N ALA C 197 44.79 -3.57 -8.77
CA ALA C 197 45.78 -4.58 -8.43
C ALA C 197 46.96 -3.97 -7.67
N ALA C 198 47.36 -2.76 -8.07
CA ALA C 198 48.48 -2.11 -7.38
C ALA C 198 48.10 -1.69 -5.97
N GLY C 199 46.83 -1.40 -5.72
CA GLY C 199 46.37 -1.01 -4.41
C GLY C 199 46.03 0.46 -4.23
N TYR C 200 45.84 1.19 -5.31
CA TYR C 200 45.58 2.62 -5.26
C TYR C 200 44.11 2.91 -5.53
N ALA C 201 43.77 4.20 -5.53
CA ALA C 201 42.39 4.62 -5.72
C ALA C 201 42.17 5.08 -7.15
N PRO C 202 41.14 4.56 -7.83
CA PRO C 202 40.88 5.00 -9.21
C PRO C 202 40.30 6.39 -9.30
N ALA C 203 39.67 6.90 -8.25
CA ALA C 203 39.02 8.21 -8.30
C ALA C 203 39.99 9.37 -8.10
N ILE C 204 41.18 9.10 -7.56
CA ILE C 204 42.15 10.15 -7.22
C ILE C 204 43.00 10.35 -8.47
N GLY C 205 42.61 11.33 -9.31
CA GLY C 205 43.31 11.64 -10.52
C GLY C 205 44.13 12.92 -10.39
N PHE C 206 44.98 13.14 -11.39
CA PHE C 206 45.85 14.31 -11.46
C PHE C 206 45.46 15.27 -12.57
N VAL C 207 45.27 14.78 -13.79
CA VAL C 207 44.76 15.63 -14.86
C VAL C 207 43.25 15.78 -14.74
N HIS C 208 42.55 14.67 -14.62
CA HIS C 208 41.12 14.67 -14.36
C HIS C 208 40.87 14.71 -12.86
N THR C 209 39.84 15.46 -12.46
CA THR C 209 39.50 15.63 -11.05
C THR C 209 38.00 15.61 -10.88
N GLY C 210 37.56 15.14 -9.71
CA GLY C 210 36.15 15.05 -9.37
C GLY C 210 35.49 13.75 -9.80
N LYS C 211 35.93 13.16 -10.90
CA LYS C 211 35.29 11.95 -11.41
C LYS C 211 35.70 10.74 -10.57
N PRO C 212 34.84 9.71 -10.50
CA PRO C 212 35.20 8.52 -9.72
C PRO C 212 36.22 7.63 -10.38
N LEU C 213 36.64 7.95 -11.60
CA LEU C 213 37.59 7.16 -12.39
C LEU C 213 38.61 8.08 -13.03
N SER C 214 38.94 9.17 -12.33
CA SER C 214 39.86 10.17 -12.88
C SER C 214 41.23 9.57 -13.14
N PHE C 215 41.77 8.84 -12.16
CA PHE C 215 43.09 8.24 -12.33
C PHE C 215 43.08 7.21 -13.45
N VAL C 216 41.98 6.48 -13.58
CA VAL C 216 41.81 5.56 -14.71
C VAL C 216 41.90 6.32 -16.02
N TYR C 217 41.28 7.50 -16.08
CA TYR C 217 41.32 8.30 -17.29
C TYR C 217 42.72 8.83 -17.58
N ASP C 218 43.50 9.12 -16.53
CA ASP C 218 44.87 9.57 -16.74
C ASP C 218 45.76 8.43 -17.26
N ILE C 219 45.86 7.36 -16.49
CA ILE C 219 46.74 6.24 -16.88
C ILE C 219 46.31 5.67 -18.22
N ALA C 220 45.00 5.62 -18.48
CA ALA C 220 44.53 5.13 -19.77
C ALA C 220 44.85 6.12 -20.89
N ASP C 221 44.74 7.42 -20.61
CA ASP C 221 45.11 8.43 -21.60
C ASP C 221 46.61 8.47 -21.86
N ILE C 222 47.42 7.81 -21.02
CA ILE C 222 48.86 7.77 -21.27
C ILE C 222 49.19 6.82 -22.42
N ILE C 223 48.48 5.69 -22.51
CA ILE C 223 48.77 4.67 -23.51
C ILE C 223 47.58 4.42 -24.43
N LYS C 224 46.65 5.36 -24.50
CA LYS C 224 45.43 5.15 -25.30
C LYS C 224 45.76 4.97 -26.77
N PHE C 225 46.36 5.99 -27.39
CA PHE C 225 46.68 5.94 -28.80
C PHE C 225 47.95 5.16 -29.09
N ASP C 226 48.49 4.43 -28.12
CA ASP C 226 49.70 3.67 -28.35
C ASP C 226 49.44 2.45 -29.23
N THR C 227 48.29 1.80 -29.06
CA THR C 227 48.03 0.55 -29.77
C THR C 227 46.55 0.31 -30.00
N VAL C 228 45.72 0.63 -29.01
CA VAL C 228 44.32 0.21 -29.03
C VAL C 228 43.53 0.98 -30.08
N VAL C 229 43.71 2.30 -30.13
CA VAL C 229 42.91 3.13 -31.04
C VAL C 229 43.13 2.78 -32.50
N PRO C 230 44.36 2.57 -33.00
CA PRO C 230 44.51 2.20 -34.41
C PRO C 230 43.74 0.95 -34.80
N LYS C 231 43.59 -0.01 -33.90
CA LYS C 231 42.81 -1.20 -34.20
C LYS C 231 41.33 -0.84 -34.37
N ALA C 232 40.83 0.07 -33.53
CA ALA C 232 39.45 0.53 -33.68
C ALA C 232 39.25 1.29 -34.98
N PHE C 233 40.26 2.05 -35.41
CA PHE C 233 40.19 2.69 -36.72
C PHE C 233 40.21 1.67 -37.85
N GLU C 234 40.94 0.56 -37.67
CA GLU C 234 40.95 -0.48 -38.69
C GLU C 234 39.58 -1.15 -38.80
N ILE C 235 39.00 -1.53 -37.66
CA ILE C 235 37.67 -2.13 -37.66
C ILE C 235 36.65 -1.15 -38.24
N ALA C 236 36.79 0.13 -37.93
CA ALA C 236 35.92 1.15 -38.52
C ALA C 236 36.12 1.24 -40.03
N ARG C 237 37.34 0.96 -40.51
CA ARG C 237 37.58 0.95 -41.95
C ARG C 237 36.91 -0.24 -42.61
N ARG C 238 36.97 -1.41 -41.98
CA ARG C 238 36.30 -2.58 -42.53
C ARG C 238 34.79 -2.43 -42.48
N ASN C 239 34.26 -1.69 -41.50
CA ASN C 239 32.84 -1.47 -41.29
C ASN C 239 32.11 -2.79 -41.16
N PRO C 240 32.22 -3.48 -40.03
CA PRO C 240 31.55 -4.77 -39.87
C PRO C 240 30.09 -4.59 -39.44
N GLY C 241 29.37 -5.71 -39.45
CA GLY C 241 27.97 -5.67 -39.04
C GLY C 241 27.81 -5.41 -37.55
N GLU C 242 28.61 -6.07 -36.72
CA GLU C 242 28.60 -5.87 -35.28
C GLU C 242 29.93 -5.27 -34.87
N PRO C 243 30.04 -3.93 -34.83
CA PRO C 243 31.35 -3.34 -34.50
C PRO C 243 31.74 -3.50 -33.05
N ASP C 244 30.77 -3.46 -32.13
CA ASP C 244 31.10 -3.53 -30.70
C ASP C 244 31.79 -4.84 -30.35
N ARG C 245 31.27 -5.96 -30.87
CA ARG C 245 31.85 -7.26 -30.56
C ARG C 245 33.26 -7.39 -31.13
N GLU C 246 33.46 -6.97 -32.38
CA GLU C 246 34.78 -7.08 -32.99
C GLU C 246 35.79 -6.18 -32.27
N VAL C 247 35.37 -4.98 -31.86
CA VAL C 247 36.28 -4.09 -31.15
C VAL C 247 36.62 -4.68 -29.78
N ARG C 248 35.63 -5.24 -29.08
CA ARG C 248 35.90 -5.81 -27.77
C ARG C 248 36.81 -7.03 -27.86
N LEU C 249 36.56 -7.91 -28.84
CA LEU C 249 37.43 -9.06 -29.02
C LEU C 249 38.84 -8.64 -29.42
N ALA C 250 38.96 -7.65 -30.30
CA ALA C 250 40.27 -7.14 -30.68
C ALA C 250 41.00 -6.58 -29.46
N CYS C 251 40.29 -5.85 -28.60
CA CYS C 251 40.91 -5.31 -27.41
C CYS C 251 41.33 -6.43 -26.45
N ARG C 252 40.51 -7.48 -26.33
CA ARG C 252 40.89 -8.60 -25.49
C ARG C 252 42.14 -9.29 -26.03
N ASP C 253 42.26 -9.36 -27.37
CA ASP C 253 43.44 -9.98 -27.96
C ASP C 253 44.68 -9.12 -27.75
N ILE C 254 44.52 -7.80 -27.82
CA ILE C 254 45.66 -6.92 -27.58
C ILE C 254 46.08 -6.97 -26.12
N PHE C 255 45.12 -6.98 -25.20
CA PHE C 255 45.46 -7.03 -23.78
C PHE C 255 46.04 -8.39 -23.40
N ARG C 256 45.65 -9.45 -24.11
CA ARG C 256 46.19 -10.78 -23.81
C ARG C 256 47.59 -10.96 -24.38
N SER C 257 47.74 -10.81 -25.70
CA SER C 257 49.03 -11.06 -26.34
C SER C 257 50.09 -10.10 -25.83
N SER C 258 49.81 -8.80 -25.89
CA SER C 258 50.80 -7.80 -25.50
C SER C 258 51.04 -7.76 -24.00
N LYS C 259 50.25 -8.49 -23.20
CA LYS C 259 50.38 -8.49 -21.74
C LYS C 259 50.35 -7.08 -21.18
N THR C 260 49.41 -6.28 -21.68
CA THR C 260 49.36 -4.87 -21.31
C THR C 260 49.09 -4.69 -19.82
N LEU C 261 48.28 -5.58 -19.24
CA LEU C 261 47.97 -5.47 -17.82
C LEU C 261 49.20 -5.75 -16.97
N ALA C 262 50.01 -6.73 -17.38
CA ALA C 262 51.25 -7.00 -16.66
C ALA C 262 52.23 -5.84 -16.78
N LYS C 263 52.21 -5.14 -17.92
CA LYS C 263 53.07 -3.98 -18.14
C LYS C 263 52.52 -2.71 -17.54
N LEU C 264 51.29 -2.71 -17.05
CA LEU C 264 50.69 -1.48 -16.55
C LEU C 264 51.16 -1.15 -15.14
N ILE C 265 51.27 -2.17 -14.27
CA ILE C 265 51.63 -1.92 -12.88
C ILE C 265 52.98 -1.21 -12.75
N PRO C 266 54.05 -1.64 -13.43
CA PRO C 266 55.29 -0.87 -13.36
C PRO C 266 55.15 0.57 -13.86
N LEU C 267 54.31 0.78 -14.88
CA LEU C 267 54.10 2.14 -15.39
C LEU C 267 53.48 3.04 -14.33
N ILE C 268 52.45 2.53 -13.64
CA ILE C 268 51.81 3.31 -12.59
C ILE C 268 52.78 3.56 -11.44
N GLU C 269 53.54 2.53 -11.06
CA GLU C 269 54.52 2.69 -9.98
C GLU C 269 55.59 3.71 -10.35
N ASP C 270 55.90 3.85 -11.64
CA ASP C 270 56.86 4.87 -12.06
C ASP C 270 56.23 6.26 -12.04
N VAL C 271 55.00 6.38 -12.55
CA VAL C 271 54.32 7.67 -12.57
C VAL C 271 54.17 8.22 -11.15
N LEU C 272 53.68 7.39 -10.23
CA LEU C 272 53.59 7.83 -8.85
C LEU C 272 54.94 7.90 -8.16
N ALA C 273 55.93 7.17 -8.68
CA ALA C 273 57.29 7.26 -8.13
C ALA C 273 57.96 8.58 -8.46
N ALA C 274 57.53 9.26 -9.52
CA ALA C 274 58.09 10.56 -9.87
C ALA C 274 57.82 11.64 -8.82
N GLY C 275 57.03 11.34 -7.79
CA GLY C 275 56.76 12.30 -6.75
C GLY C 275 57.74 12.24 -5.59
N GLU C 276 58.89 11.59 -5.82
CA GLU C 276 59.95 11.48 -4.82
C GLU C 276 59.45 10.81 -3.54
N ILE C 277 58.66 9.76 -3.70
CA ILE C 277 58.08 9.01 -2.59
C ILE C 277 57.32 9.94 -1.65
N LEU D 4 19.61 -0.73 -21.05
CA LEU D 4 18.99 -0.07 -19.90
C LEU D 4 19.97 0.05 -18.75
N PRO D 5 20.12 1.26 -18.22
CA PRO D 5 21.01 1.44 -17.06
C PRO D 5 20.43 0.80 -15.81
N LEU D 6 21.17 0.88 -14.70
CA LEU D 6 20.73 0.26 -13.45
C LEU D 6 21.44 1.00 -12.30
N ASN D 7 20.84 2.11 -11.85
CA ASN D 7 21.54 2.88 -10.85
C ASN D 7 21.17 2.41 -9.44
N PRO D 8 22.10 2.52 -8.48
CA PRO D 8 21.80 2.09 -7.10
C PRO D 8 20.85 3.04 -6.39
N ILE D 9 20.45 2.68 -5.17
CA ILE D 9 19.45 3.44 -4.42
C ILE D 9 20.06 3.87 -3.10
N PRO D 10 19.49 4.89 -2.45
CA PRO D 10 19.99 5.28 -1.13
C PRO D 10 19.94 4.14 -0.14
N LEU D 11 21.05 3.97 0.59
CA LEU D 11 21.16 2.88 1.55
C LEU D 11 20.20 3.03 2.72
N LYS D 12 19.81 4.26 3.07
CA LYS D 12 18.90 4.48 4.18
C LYS D 12 17.54 3.85 3.96
N ASP D 13 17.16 3.58 2.71
CA ASP D 13 15.87 2.99 2.38
C ASP D 13 15.97 1.51 2.03
N ARG D 14 16.99 0.82 2.54
CA ARG D 14 17.21 -0.60 2.27
C ARG D 14 16.98 -1.41 3.54
N VAL D 15 17.00 -2.72 3.37
CA VAL D 15 16.96 -3.66 4.50
C VAL D 15 18.38 -3.91 4.96
N SER D 16 18.52 -4.26 6.24
CA SER D 16 19.83 -4.42 6.87
C SER D 16 20.66 -5.53 6.25
N MET D 17 20.33 -6.78 6.56
CA MET D 17 21.20 -7.90 6.21
C MET D 17 20.39 -9.17 6.01
N ILE D 18 20.92 -10.07 5.17
CA ILE D 18 20.37 -11.40 4.97
C ILE D 18 21.51 -12.41 5.15
N PHE D 19 21.20 -13.55 5.74
CA PHE D 19 22.17 -14.61 5.97
C PHE D 19 21.83 -15.80 5.08
N LEU D 20 22.79 -16.21 4.25
CA LEU D 20 22.62 -17.29 3.30
C LEU D 20 23.56 -18.43 3.65
N GLN D 21 23.00 -19.63 3.77
CA GLN D 21 23.78 -20.81 4.14
C GLN D 21 23.41 -21.98 3.25
N TYR D 22 24.37 -22.86 3.03
CA TYR D 22 24.19 -24.16 2.36
C TYR D 22 23.39 -24.01 1.06
N GLY D 23 24.01 -23.34 0.10
CA GLY D 23 23.42 -23.21 -1.22
C GLY D 23 24.37 -22.48 -2.14
N GLN D 24 24.12 -22.63 -3.43
CA GLN D 24 24.89 -21.94 -4.45
C GLN D 24 24.14 -20.69 -4.91
N ILE D 25 24.89 -19.62 -5.12
CA ILE D 25 24.33 -18.31 -5.49
C ILE D 25 24.51 -18.13 -7.00
N ASP D 26 23.41 -17.99 -7.73
CA ASP D 26 23.45 -17.84 -9.18
C ASP D 26 22.67 -16.59 -9.59
N VAL D 27 22.55 -16.39 -10.91
CA VAL D 27 21.79 -15.30 -11.50
C VAL D 27 20.86 -15.88 -12.56
N ILE D 28 19.55 -15.69 -12.39
CA ILE D 28 18.54 -16.24 -13.28
C ILE D 28 17.77 -15.09 -13.92
N ASP D 29 17.81 -15.01 -15.25
CA ASP D 29 17.12 -14.00 -16.05
C ASP D 29 17.43 -12.58 -15.58
N GLY D 30 18.55 -12.40 -14.86
CA GLY D 30 18.93 -11.12 -14.33
C GLY D 30 18.68 -10.96 -12.84
N ALA D 31 18.63 -12.05 -12.08
CA ALA D 31 18.18 -11.98 -10.69
C ALA D 31 19.06 -12.82 -9.78
N PHE D 32 19.40 -12.22 -8.64
CA PHE D 32 20.09 -12.91 -7.55
C PHE D 32 19.25 -14.08 -7.05
N VAL D 33 19.77 -15.31 -7.18
CA VAL D 33 19.05 -16.50 -6.75
C VAL D 33 19.93 -17.32 -5.83
N LEU D 34 19.31 -17.98 -4.84
CA LEU D 34 19.99 -18.89 -3.93
C LEU D 34 19.35 -20.26 -4.07
N ILE D 35 20.08 -21.21 -4.64
CA ILE D 35 19.58 -22.57 -4.86
C ILE D 35 20.12 -23.47 -3.76
N ASP D 36 19.23 -24.28 -3.18
CA ASP D 36 19.58 -25.19 -2.10
C ASP D 36 20.03 -26.54 -2.68
N LYS D 37 20.35 -27.48 -1.79
CA LYS D 37 20.69 -28.82 -2.25
C LYS D 37 19.46 -29.59 -2.72
N THR D 38 18.28 -29.26 -2.18
CA THR D 38 17.05 -29.93 -2.55
C THR D 38 16.45 -29.41 -3.86
N GLY D 39 16.98 -28.32 -4.40
CA GLY D 39 16.49 -27.75 -5.64
C GLY D 39 15.60 -26.54 -5.47
N ILE D 40 15.28 -26.15 -4.24
CA ILE D 40 14.37 -25.04 -4.03
C ILE D 40 15.10 -23.73 -4.34
N ARG D 41 14.46 -22.88 -5.14
CA ARG D 41 15.05 -21.62 -5.56
C ARG D 41 14.50 -20.48 -4.72
N THR D 42 15.40 -19.72 -4.11
CA THR D 42 15.04 -18.60 -3.25
C THR D 42 15.51 -17.31 -3.91
N HIS D 43 14.56 -16.54 -4.44
CA HIS D 43 14.92 -15.23 -4.97
C HIS D 43 15.23 -14.28 -3.83
N ILE D 44 16.21 -13.40 -4.05
CA ILE D 44 16.67 -12.46 -3.05
C ILE D 44 16.85 -11.10 -3.70
N PRO D 45 16.12 -10.06 -3.29
CA PRO D 45 16.29 -8.74 -3.90
C PRO D 45 17.63 -8.10 -3.56
N VAL D 46 18.59 -8.18 -4.49
CA VAL D 46 19.94 -7.72 -4.19
C VAL D 46 19.98 -6.20 -4.02
N GLY D 47 19.11 -5.48 -4.73
CA GLY D 47 19.18 -4.03 -4.71
C GLY D 47 18.63 -3.40 -3.44
N SER D 48 17.63 -4.03 -2.82
CA SER D 48 17.01 -3.50 -1.62
C SER D 48 17.70 -3.97 -0.35
N VAL D 49 18.82 -4.65 -0.45
CA VAL D 49 19.60 -5.12 0.69
C VAL D 49 20.89 -4.33 0.75
N ALA D 50 21.22 -3.83 1.94
CA ALA D 50 22.45 -3.05 2.10
C ALA D 50 23.68 -3.96 2.18
N CYS D 51 23.53 -5.13 2.79
CA CYS D 51 24.65 -6.03 3.01
C CYS D 51 24.15 -7.46 3.01
N ILE D 52 24.81 -8.32 2.23
CA ILE D 52 24.46 -9.74 2.17
C ILE D 52 25.55 -10.54 2.87
N MET D 53 25.18 -11.25 3.93
CA MET D 53 26.08 -12.13 4.64
C MET D 53 26.06 -13.51 3.99
N LEU D 54 27.25 -14.02 3.65
CA LEU D 54 27.41 -15.30 2.97
C LEU D 54 28.02 -16.29 3.95
N GLU D 55 27.17 -17.10 4.58
CA GLU D 55 27.64 -18.05 5.56
C GLU D 55 28.42 -19.18 4.89
N PRO D 56 29.20 -19.94 5.66
CA PRO D 56 29.92 -21.08 5.07
C PRO D 56 28.97 -22.05 4.39
N GLY D 57 29.36 -22.49 3.19
CA GLY D 57 28.53 -23.32 2.36
C GLY D 57 27.97 -22.64 1.14
N THR D 58 28.40 -21.41 0.84
CA THR D 58 27.87 -20.63 -0.27
C THR D 58 28.90 -20.54 -1.39
N ARG D 59 28.43 -20.69 -2.63
CA ARG D 59 29.29 -20.68 -3.82
C ARG D 59 28.76 -19.64 -4.80
N VAL D 60 29.22 -18.40 -4.66
CA VAL D 60 28.75 -17.31 -5.50
C VAL D 60 29.18 -17.53 -6.94
N SER D 61 28.39 -17.03 -7.88
CA SER D 61 28.74 -17.02 -9.29
C SER D 61 29.27 -15.65 -9.69
N HIS D 62 29.92 -15.61 -10.85
CA HIS D 62 30.49 -14.37 -11.36
C HIS D 62 29.39 -13.33 -11.60
N ALA D 63 28.35 -13.73 -12.32
CA ALA D 63 27.25 -12.81 -12.58
C ALA D 63 26.67 -12.26 -11.29
N ALA D 64 26.67 -13.06 -10.22
CA ALA D 64 26.09 -12.61 -8.96
C ALA D 64 26.90 -11.48 -8.34
N VAL D 65 28.23 -11.56 -8.40
CA VAL D 65 29.03 -10.46 -7.87
C VAL D 65 28.98 -9.27 -8.82
N ARG D 66 28.76 -9.51 -10.12
CA ARG D 66 28.55 -8.41 -11.04
C ARG D 66 27.31 -7.62 -10.67
N LEU D 67 26.20 -8.32 -10.49
CA LEU D 67 24.94 -7.67 -10.13
C LEU D 67 25.06 -6.99 -8.77
N ALA D 68 25.56 -7.72 -7.77
CA ALA D 68 25.73 -7.16 -6.44
C ALA D 68 26.55 -5.88 -6.48
N ALA D 69 27.59 -5.84 -7.32
CA ALA D 69 28.43 -4.66 -7.41
C ALA D 69 27.78 -3.55 -8.22
N GLN D 70 26.86 -3.88 -9.12
CA GLN D 70 26.21 -2.84 -9.92
C GLN D 70 25.09 -2.14 -9.14
N VAL D 71 24.45 -2.83 -8.20
CA VAL D 71 23.39 -2.21 -7.41
C VAL D 71 23.91 -1.59 -6.13
N GLY D 72 25.21 -1.64 -5.87
CA GLY D 72 25.73 -1.11 -4.63
C GLY D 72 25.41 -1.95 -3.42
N THR D 73 25.38 -3.27 -3.57
CA THR D 73 25.14 -4.18 -2.46
C THR D 73 26.44 -4.88 -2.08
N LEU D 74 26.94 -4.59 -0.89
CA LEU D 74 28.16 -5.19 -0.41
C LEU D 74 27.96 -6.68 -0.15
N LEU D 75 28.88 -7.50 -0.62
CA LEU D 75 28.89 -8.93 -0.30
C LEU D 75 29.95 -9.17 0.77
N VAL D 76 29.59 -9.97 1.77
CA VAL D 76 30.48 -10.27 2.89
C VAL D 76 30.47 -11.77 3.11
N TRP D 77 31.59 -12.42 2.80
CA TRP D 77 31.80 -13.80 3.20
C TRP D 77 32.15 -13.83 4.68
N VAL D 78 31.30 -14.47 5.48
CA VAL D 78 31.47 -14.52 6.92
C VAL D 78 31.84 -15.95 7.33
N GLY D 79 32.27 -16.09 8.58
CA GLY D 79 32.64 -17.38 9.12
C GLY D 79 31.75 -17.79 10.28
N GLU D 80 32.36 -18.37 11.32
CA GLU D 80 31.59 -18.84 12.45
C GLU D 80 31.11 -17.66 13.30
N ALA D 81 29.86 -17.74 13.75
CA ALA D 81 29.20 -16.73 14.57
C ALA D 81 29.12 -15.37 13.89
N GLY D 82 29.27 -15.33 12.57
CA GLY D 82 29.10 -14.11 11.81
C GLY D 82 30.33 -13.24 11.67
N VAL D 83 31.50 -13.72 12.09
CA VAL D 83 32.73 -12.95 11.94
C VAL D 83 33.01 -12.74 10.45
N ARG D 84 33.49 -11.55 10.11
CA ARG D 84 33.74 -11.22 8.71
C ARG D 84 35.04 -11.84 8.24
N VAL D 85 35.00 -12.47 7.07
CA VAL D 85 36.17 -13.07 6.45
C VAL D 85 36.62 -12.27 5.24
N TYR D 86 35.73 -12.03 4.29
CA TYR D 86 36.10 -11.30 3.09
C TYR D 86 34.89 -10.49 2.62
N ALA D 87 35.10 -9.67 1.61
CA ALA D 87 34.03 -8.82 1.11
C ALA D 87 34.35 -8.36 -0.30
N SER D 88 33.31 -8.09 -1.07
CA SER D 88 33.45 -7.54 -2.41
C SER D 88 32.36 -6.49 -2.63
N GLY D 89 32.75 -5.37 -3.24
CA GLY D 89 31.84 -4.28 -3.48
C GLY D 89 32.14 -3.51 -4.74
N GLN D 90 31.42 -2.41 -4.95
CA GLN D 90 31.63 -1.57 -6.12
C GLN D 90 33.04 -0.98 -6.09
N PRO D 91 33.86 -1.21 -7.11
CA PRO D 91 35.27 -0.79 -7.04
C PRO D 91 35.47 0.70 -7.23
N GLY D 92 34.77 1.31 -8.20
CA GLY D 92 34.96 2.70 -8.52
C GLY D 92 33.84 3.61 -8.07
N GLY D 93 33.03 3.14 -7.11
CA GLY D 93 31.90 3.93 -6.65
C GLY D 93 32.24 4.84 -5.49
N ALA D 94 33.36 5.55 -5.58
CA ALA D 94 33.81 6.46 -4.55
C ALA D 94 33.99 7.86 -5.12
N ARG D 95 33.76 8.86 -4.27
CA ARG D 95 33.86 10.26 -4.67
C ARG D 95 35.27 10.77 -4.44
N SER D 96 35.83 11.44 -5.45
CA SER D 96 37.22 11.91 -5.36
C SER D 96 37.38 12.97 -4.28
N ASP D 97 36.45 13.93 -4.24
CA ASP D 97 36.56 15.02 -3.26
C ASP D 97 36.51 14.49 -1.84
N LYS D 98 35.64 13.52 -1.58
CA LYS D 98 35.51 12.97 -0.23
C LYS D 98 36.75 12.18 0.17
N LEU D 99 37.27 11.36 -0.75
CA LEU D 99 38.50 10.62 -0.47
C LEU D 99 39.66 11.57 -0.18
N LEU D 100 39.82 12.61 -1.00
CA LEU D 100 40.90 13.57 -0.77
C LEU D 100 40.70 14.33 0.53
N TYR D 101 39.45 14.57 0.93
CA TYR D 101 39.20 15.23 2.20
C TYR D 101 39.61 14.35 3.36
N GLN D 102 39.16 13.08 3.36
CA GLN D 102 39.52 12.16 4.43
C GLN D 102 41.02 11.95 4.51
N ALA D 103 41.68 11.79 3.35
CA ALA D 103 43.12 11.58 3.34
C ALA D 103 43.86 12.83 3.81
N LYS D 104 43.34 14.02 3.47
CA LYS D 104 43.94 15.24 3.98
C LYS D 104 43.84 15.29 5.50
N LEU D 105 42.70 14.89 6.06
CA LEU D 105 42.58 14.85 7.51
C LEU D 105 43.47 13.79 8.13
N ALA D 106 43.80 12.74 7.38
CA ALA D 106 44.59 11.65 7.92
C ALA D 106 46.10 11.89 7.85
N LEU D 107 46.56 12.64 6.85
CA LEU D 107 48.00 12.85 6.70
C LEU D 107 48.54 13.78 7.78
N ASP D 108 47.84 14.89 8.03
CA ASP D 108 48.28 15.85 9.03
C ASP D 108 48.06 15.29 10.43
N GLU D 109 49.13 15.29 11.23
CA GLU D 109 49.03 14.72 12.58
C GLU D 109 48.15 15.57 13.48
N ASP D 110 48.19 16.89 13.32
CA ASP D 110 47.34 17.76 14.13
C ASP D 110 45.86 17.56 13.78
N LEU D 111 45.54 17.53 12.48
CA LEU D 111 44.17 17.28 12.07
C LEU D 111 43.71 15.88 12.49
N ARG D 112 44.62 14.90 12.43
CA ARG D 112 44.29 13.57 12.90
C ARG D 112 43.99 13.56 14.39
N LEU D 113 44.74 14.35 15.17
CA LEU D 113 44.45 14.47 16.60
C LEU D 113 43.10 15.15 16.82
N LYS D 114 42.76 16.12 15.98
CA LYS D 114 41.45 16.78 16.09
C LYS D 114 40.32 15.79 15.82
N VAL D 115 40.46 14.97 14.79
CA VAL D 115 39.44 13.98 14.48
C VAL D 115 39.35 12.95 15.60
N VAL D 116 40.49 12.57 16.19
CA VAL D 116 40.47 11.63 17.31
C VAL D 116 39.70 12.21 18.49
N ARG D 117 39.99 13.48 18.82
CA ARG D 117 39.25 14.12 19.92
C ARG D 117 37.77 14.24 19.60
N LYS D 118 37.42 14.44 18.33
CA LYS D 118 36.01 14.46 17.95
C LYS D 118 35.37 13.09 18.18
N MET D 119 36.09 12.01 17.89
CA MET D 119 35.56 10.67 18.14
C MET D 119 35.42 10.41 19.64
N PHE D 120 36.35 10.92 20.45
CA PHE D 120 36.22 10.78 21.90
C PHE D 120 35.01 11.53 22.42
N GLU D 121 34.81 12.76 21.94
CA GLU D 121 33.70 13.57 22.41
C GLU D 121 32.36 12.97 22.00
N LEU D 122 32.24 12.56 20.73
CA LEU D 122 31.00 11.94 20.28
C LEU D 122 30.79 10.55 20.88
N ARG D 123 31.86 9.90 21.34
CA ARG D 123 31.71 8.57 21.93
C ARG D 123 31.28 8.64 23.39
N PHE D 124 31.99 9.42 24.20
CA PHE D 124 31.73 9.46 25.63
C PHE D 124 30.90 10.65 26.06
N GLY D 125 30.50 11.52 25.15
CA GLY D 125 29.68 12.67 25.51
C GLY D 125 30.38 13.74 26.30
N GLU D 126 31.70 13.67 26.45
CA GLU D 126 32.47 14.67 27.16
C GLU D 126 33.76 14.92 26.39
N PRO D 127 34.27 16.16 26.42
CA PRO D 127 35.52 16.44 25.69
C PRO D 127 36.69 15.67 26.26
N ALA D 128 37.61 15.29 25.37
CA ALA D 128 38.79 14.56 25.80
C ALA D 128 39.73 15.48 26.57
N PRO D 129 40.53 14.93 27.49
CA PRO D 129 41.49 15.75 28.22
C PRO D 129 42.49 16.40 27.27
N ALA D 130 42.91 17.61 27.63
CA ALA D 130 43.77 18.40 26.77
C ALA D 130 45.20 17.85 26.77
N ARG D 131 45.87 18.02 25.62
CA ARG D 131 47.27 17.64 25.46
C ARG D 131 47.49 16.16 25.76
N ARG D 132 46.69 15.32 25.11
CA ARG D 132 46.78 13.87 25.25
C ARG D 132 47.00 13.25 23.88
N SER D 133 47.96 12.33 23.81
CA SER D 133 48.30 11.68 22.55
C SER D 133 47.23 10.65 22.17
N VAL D 134 47.40 10.07 20.98
CA VAL D 134 46.45 9.07 20.50
C VAL D 134 46.48 7.83 21.38
N GLU D 135 47.68 7.45 21.87
CA GLU D 135 47.81 6.25 22.68
C GLU D 135 47.12 6.39 24.02
N GLN D 136 47.19 7.59 24.63
CA GLN D 136 46.52 7.81 25.90
C GLN D 136 45.00 7.74 25.74
N LEU D 137 44.47 8.38 24.70
CA LEU D 137 43.04 8.25 24.42
C LEU D 137 42.68 6.81 24.09
N ARG D 138 43.63 6.02 23.59
CA ARG D 138 43.34 4.62 23.28
C ARG D 138 43.29 3.78 24.56
N GLY D 139 44.18 4.05 25.50
CA GLY D 139 44.12 3.36 26.78
C GLY D 139 42.89 3.74 27.59
N ILE D 140 42.58 5.03 27.65
CA ILE D 140 41.35 5.47 28.30
C ILE D 140 40.14 4.85 27.61
N GLU D 141 40.17 4.76 26.28
CA GLU D 141 39.07 4.15 25.54
C GLU D 141 38.89 2.69 25.91
N GLY D 142 40.00 1.94 26.00
CA GLY D 142 39.89 0.54 26.41
C GLY D 142 39.38 0.38 27.82
N SER D 143 39.84 1.24 28.73
CA SER D 143 39.37 1.20 30.11
C SER D 143 37.86 1.44 30.19
N ARG D 144 37.39 2.49 29.50
CA ARG D 144 35.96 2.76 29.47
C ARG D 144 35.19 1.64 28.78
N VAL D 145 35.82 0.95 27.82
CA VAL D 145 35.18 -0.17 27.17
C VAL D 145 34.96 -1.31 28.17
N ARG D 146 36.01 -1.66 28.93
CA ARG D 146 35.85 -2.68 29.96
C ARG D 146 34.82 -2.26 31.00
N ALA D 147 34.81 -0.96 31.34
CA ALA D 147 33.81 -0.46 32.29
C ALA D 147 32.39 -0.64 31.74
N THR D 148 32.21 -0.44 30.44
CA THR D 148 30.90 -0.67 29.84
C THR D 148 30.55 -2.15 29.84
N TYR D 149 31.55 -3.02 29.66
CA TYR D 149 31.30 -4.45 29.70
C TYR D 149 30.85 -4.88 31.09
N ALA D 150 31.52 -4.39 32.13
CA ALA D 150 31.13 -4.73 33.50
C ALA D 150 29.77 -4.13 33.84
N LEU D 151 29.53 -2.88 33.44
CA LEU D 151 28.26 -2.23 33.77
C LEU D 151 27.09 -2.92 33.09
N LEU D 152 27.23 -3.26 31.80
CA LEU D 152 26.16 -3.98 31.12
C LEU D 152 25.99 -5.39 31.68
N ALA D 153 27.11 -6.07 31.97
CA ALA D 153 27.03 -7.40 32.59
C ALA D 153 26.31 -7.35 33.93
N LYS D 154 26.43 -6.24 34.65
CA LYS D 154 25.69 -6.08 35.90
C LYS D 154 24.23 -5.70 35.65
N GLN D 155 23.96 -4.95 34.58
CA GLN D 155 22.60 -4.52 34.30
C GLN D 155 21.73 -5.69 33.84
N TYR D 156 22.29 -6.60 33.04
CA TYR D 156 21.53 -7.71 32.51
C TYR D 156 21.86 -9.04 33.19
N GLY D 157 22.70 -9.04 34.21
CA GLY D 157 22.99 -10.26 34.95
C GLY D 157 23.65 -11.33 34.10
N VAL D 158 24.83 -11.02 33.58
CA VAL D 158 25.60 -11.94 32.73
C VAL D 158 26.93 -12.19 33.40
N THR D 159 27.29 -13.47 33.53
CA THR D 159 28.58 -13.85 34.08
C THR D 159 29.69 -13.43 33.13
N TRP D 160 30.53 -12.51 33.59
CA TRP D 160 31.57 -11.90 32.77
C TRP D 160 32.93 -12.28 33.32
N ASN D 161 33.79 -12.79 32.44
CA ASN D 161 35.17 -13.12 32.78
C ASN D 161 36.21 -12.34 32.00
N GLY D 162 35.84 -11.54 31.00
CA GLY D 162 36.82 -10.91 30.13
C GLY D 162 36.45 -10.90 28.67
N ARG D 163 37.07 -10.00 27.89
CA ARG D 163 36.79 -9.92 26.46
C ARG D 163 37.70 -10.90 25.73
N ARG D 164 37.14 -11.98 25.21
CA ARG D 164 37.91 -13.01 24.51
C ARG D 164 37.52 -13.01 23.04
N TYR D 165 38.53 -12.83 22.17
CA TYR D 165 38.30 -12.78 20.73
C TYR D 165 38.57 -14.10 20.02
N ASP D 166 39.37 -14.98 20.62
CA ASP D 166 39.69 -16.27 20.01
C ASP D 166 38.71 -17.32 20.51
N PRO D 167 37.99 -18.02 19.62
CA PRO D 167 37.01 -19.05 19.98
C PRO D 167 37.62 -20.22 20.74
N THR D 175 29.42 -18.13 25.93
CA THR D 175 28.60 -17.82 24.77
C THR D 175 28.43 -16.33 24.60
N ILE D 176 28.46 -15.60 25.72
CA ILE D 176 28.22 -14.16 25.71
C ILE D 176 29.13 -13.46 24.71
N ASN D 177 30.44 -13.71 24.82
CA ASN D 177 31.38 -13.13 23.89
C ASN D 177 30.97 -13.41 22.44
N GLN D 178 30.60 -14.66 22.15
CA GLN D 178 30.13 -15.01 20.82
C GLN D 178 29.04 -14.06 20.36
N CYS D 179 28.00 -13.87 21.19
CA CYS D 179 26.95 -12.92 20.87
C CYS D 179 27.53 -11.57 20.53
N ILE D 180 28.39 -11.05 21.42
CA ILE D 180 29.08 -9.79 21.16
C ILE D 180 29.74 -9.85 19.78
N SER D 181 30.56 -10.88 19.56
CA SER D 181 31.26 -11.02 18.29
C SER D 181 30.27 -11.00 17.13
N ALA D 182 29.13 -11.68 17.28
CA ALA D 182 28.12 -11.63 16.24
C ALA D 182 27.57 -10.21 16.10
N ALA D 183 27.12 -9.64 17.21
CA ALA D 183 26.42 -8.36 17.16
C ALA D 183 27.31 -7.29 16.53
N THR D 184 28.44 -6.98 17.18
CA THR D 184 29.41 -6.08 16.59
C THR D 184 29.73 -6.46 15.15
N SER D 185 29.90 -7.77 14.89
CA SER D 185 30.16 -8.22 13.52
C SER D 185 29.12 -7.66 12.56
N CYS D 186 27.84 -7.87 12.87
CA CYS D 186 26.77 -7.32 12.06
C CYS D 186 26.96 -5.81 11.88
N LEU D 187 27.16 -5.10 12.99
CA LEU D 187 27.36 -3.65 12.90
C LEU D 187 28.52 -3.31 11.99
N TYR D 188 29.60 -4.09 12.05
CA TYR D 188 30.70 -3.87 11.14
C TYR D 188 30.21 -3.92 9.69
N GLY D 189 29.53 -5.01 9.32
CA GLY D 189 29.10 -5.23 7.96
C GLY D 189 28.41 -4.03 7.34
N VAL D 190 27.18 -3.77 7.78
CA VAL D 190 26.44 -2.60 7.31
C VAL D 190 27.31 -1.35 7.41
N THR D 191 28.06 -1.22 8.52
CA THR D 191 28.92 -0.05 8.70
C THR D 191 29.84 0.14 7.50
N GLU D 192 30.60 -0.89 7.16
CA GLU D 192 31.46 -0.83 5.98
C GLU D 192 30.65 -0.43 4.75
N ALA D 193 29.50 -1.09 4.55
CA ALA D 193 28.64 -0.77 3.42
C ALA D 193 28.29 0.70 3.40
N ALA D 194 27.90 1.25 4.56
CA ALA D 194 27.57 2.67 4.64
C ALA D 194 28.72 3.50 4.09
N ILE D 195 29.93 3.21 4.57
CA ILE D 195 31.11 3.95 4.11
C ILE D 195 31.22 3.85 2.59
N LEU D 196 31.04 2.65 2.05
CA LEU D 196 31.07 2.49 0.59
C LEU D 196 29.99 3.33 -0.07
N ALA D 197 28.78 3.32 0.48
CA ALA D 197 27.72 4.16 -0.06
C ALA D 197 28.07 5.64 0.00
N ALA D 198 28.94 6.04 0.93
CA ALA D 198 29.37 7.42 1.00
C ALA D 198 30.57 7.71 0.12
N GLY D 199 31.29 6.68 -0.32
CA GLY D 199 32.44 6.87 -1.19
C GLY D 199 33.76 7.13 -0.49
N TYR D 200 33.90 6.71 0.77
CA TYR D 200 35.15 6.84 1.51
C TYR D 200 35.93 5.54 1.47
N ALA D 201 37.12 5.57 2.06
CA ALA D 201 37.99 4.40 2.10
C ALA D 201 37.91 3.75 3.47
N PRO D 202 37.73 2.43 3.55
CA PRO D 202 37.67 1.78 4.86
C PRO D 202 39.02 1.61 5.51
N ALA D 203 40.12 1.64 4.75
CA ALA D 203 41.44 1.41 5.32
C ALA D 203 42.03 2.67 5.97
N ILE D 204 41.59 3.86 5.57
CA ILE D 204 42.13 5.10 6.11
C ILE D 204 41.53 5.38 7.47
N GLY D 205 42.16 4.83 8.52
CA GLY D 205 41.69 5.03 9.87
C GLY D 205 42.50 6.08 10.62
N PHE D 206 41.93 6.58 11.71
CA PHE D 206 42.56 7.60 12.53
C PHE D 206 43.04 7.04 13.86
N VAL D 207 42.15 6.43 14.65
CA VAL D 207 42.58 5.81 15.90
C VAL D 207 43.31 4.49 15.61
N HIS D 208 42.67 3.62 14.83
CA HIS D 208 43.30 2.40 14.38
C HIS D 208 43.94 2.64 13.01
N THR D 209 45.10 2.01 12.78
CA THR D 209 45.83 2.22 11.54
C THR D 209 46.35 0.88 11.06
N GLY D 210 46.65 0.81 9.77
CA GLY D 210 47.32 -0.36 9.24
C GLY D 210 46.34 -1.40 8.73
N LYS D 211 45.22 -1.54 9.41
CA LYS D 211 44.25 -2.56 9.06
C LYS D 211 43.36 -2.10 7.90
N PRO D 212 42.93 -3.02 7.04
CA PRO D 212 42.17 -2.63 5.84
C PRO D 212 40.78 -2.09 6.15
N LEU D 213 40.32 -2.19 7.40
CA LEU D 213 39.00 -1.69 7.78
C LEU D 213 39.07 -0.77 8.99
N SER D 214 40.24 -0.20 9.27
CA SER D 214 40.47 0.57 10.48
C SER D 214 39.37 1.61 10.70
N PHE D 215 39.21 2.52 9.74
CA PHE D 215 38.18 3.56 9.85
C PHE D 215 36.83 2.96 10.21
N VAL D 216 36.44 1.88 9.55
CA VAL D 216 35.19 1.20 9.86
C VAL D 216 35.07 0.98 11.36
N TYR D 217 36.04 0.26 11.92
CA TYR D 217 36.06 -0.02 13.36
C TYR D 217 35.81 1.26 14.16
N ASP D 218 36.54 2.33 13.81
CA ASP D 218 36.40 3.58 14.53
C ASP D 218 34.94 4.00 14.59
N ILE D 219 34.29 4.12 13.44
CA ILE D 219 32.89 4.53 13.40
C ILE D 219 32.06 3.58 14.26
N ALA D 220 32.28 2.28 14.12
CA ALA D 220 31.56 1.32 14.94
C ALA D 220 31.84 1.56 16.41
N ASP D 221 33.10 1.78 16.76
CA ASP D 221 33.42 2.04 18.17
C ASP D 221 32.80 3.33 18.71
N ILE D 222 32.09 4.11 17.89
CA ILE D 222 31.39 5.28 18.41
C ILE D 222 30.06 4.88 19.01
N ILE D 223 29.39 3.89 18.42
CA ILE D 223 28.00 3.59 18.76
C ILE D 223 27.78 2.14 19.19
N LYS D 224 28.81 1.30 19.15
CA LYS D 224 28.60 -0.13 19.41
C LYS D 224 28.00 -0.36 20.81
N PHE D 225 28.51 0.34 21.82
CA PHE D 225 28.01 0.20 23.17
C PHE D 225 26.74 1.01 23.42
N ASP D 226 26.29 1.83 22.46
CA ASP D 226 25.05 2.56 22.64
C ASP D 226 23.84 1.63 22.57
N THR D 227 23.76 0.80 21.55
CA THR D 227 22.62 -0.10 21.39
C THR D 227 23.01 -1.52 21.06
N VAL D 228 24.20 -1.75 20.52
CA VAL D 228 24.49 -3.06 19.96
C VAL D 228 24.92 -4.04 21.05
N VAL D 229 25.88 -3.64 21.88
CA VAL D 229 26.41 -4.50 22.93
C VAL D 229 25.32 -4.80 23.97
N PRO D 230 24.68 -3.79 24.59
CA PRO D 230 23.67 -4.13 25.61
C PRO D 230 22.64 -5.13 25.09
N LYS D 231 22.06 -4.87 23.91
CA LYS D 231 21.08 -5.79 23.34
C LYS D 231 21.65 -7.20 23.24
N ALA D 232 22.89 -7.33 22.78
CA ALA D 232 23.53 -8.64 22.73
C ALA D 232 23.54 -9.29 24.11
N PHE D 233 23.91 -8.52 25.14
CA PHE D 233 23.83 -9.04 26.51
C PHE D 233 22.46 -9.62 26.80
N GLU D 234 21.39 -8.91 26.39
CA GLU D 234 20.04 -9.41 26.62
C GLU D 234 19.86 -10.82 26.07
N ILE D 235 20.36 -11.05 24.85
CA ILE D 235 20.25 -12.39 24.25
C ILE D 235 21.00 -13.39 25.11
N ALA D 236 22.20 -13.03 25.56
CA ALA D 236 22.94 -13.91 26.49
C ALA D 236 22.11 -14.18 27.73
N ARG D 237 21.38 -13.17 28.21
CA ARG D 237 20.54 -13.36 29.39
C ARG D 237 19.56 -14.51 29.20
N ARG D 238 19.11 -14.75 27.98
CA ARG D 238 18.21 -15.88 27.73
C ARG D 238 18.98 -17.17 27.48
N ASN D 239 20.20 -17.09 26.96
CA ASN D 239 21.01 -18.25 26.63
C ASN D 239 20.22 -19.24 25.77
N PRO D 240 19.93 -18.91 24.53
CA PRO D 240 19.08 -19.79 23.70
C PRO D 240 19.87 -20.89 23.03
N GLY D 241 19.13 -21.82 22.43
CA GLY D 241 19.77 -22.93 21.72
C GLY D 241 20.42 -22.48 20.41
N GLU D 242 19.73 -21.63 19.66
CA GLU D 242 20.25 -21.04 18.43
C GLU D 242 20.46 -19.55 18.67
N PRO D 243 21.62 -19.14 19.22
CA PRO D 243 21.83 -17.73 19.52
C PRO D 243 21.98 -16.88 18.27
N ASP D 244 22.84 -17.31 17.36
CA ASP D 244 23.17 -16.57 16.14
C ASP D 244 21.93 -15.96 15.50
N ARG D 245 21.01 -16.83 15.05
CA ARG D 245 19.76 -16.37 14.44
C ARG D 245 19.09 -15.32 15.32
N GLU D 246 18.83 -15.67 16.59
CA GLU D 246 18.19 -14.72 17.50
C GLU D 246 18.96 -13.40 17.56
N VAL D 247 20.29 -13.48 17.59
CA VAL D 247 21.09 -12.26 17.52
C VAL D 247 20.82 -11.53 16.20
N ARG D 248 21.00 -12.24 15.08
CA ARG D 248 20.88 -11.62 13.77
C ARG D 248 19.55 -10.90 13.63
N LEU D 249 18.45 -11.63 13.80
CA LEU D 249 17.11 -11.04 13.87
C LEU D 249 17.11 -9.80 14.76
N ALA D 250 17.50 -9.97 16.02
CA ALA D 250 17.52 -8.85 16.95
C ALA D 250 18.30 -7.68 16.38
N CYS D 251 19.48 -7.95 15.82
CA CYS D 251 20.28 -6.90 15.24
C CYS D 251 19.48 -6.11 14.21
N ARG D 252 18.84 -6.82 13.27
CA ARG D 252 18.02 -6.15 12.27
C ARG D 252 17.03 -5.21 12.92
N ASP D 253 16.35 -5.69 13.97
CA ASP D 253 15.36 -4.87 14.67
C ASP D 253 15.98 -3.58 15.17
N ILE D 254 17.16 -3.67 15.80
CA ILE D 254 17.85 -2.47 16.24
C ILE D 254 18.13 -1.57 15.05
N PHE D 255 18.67 -2.15 13.98
CA PHE D 255 19.00 -1.38 12.78
C PHE D 255 17.75 -0.78 12.16
N ARG D 256 16.57 -1.25 12.54
CA ARG D 256 15.34 -0.56 12.17
C ARG D 256 14.99 0.51 13.19
N SER D 257 14.96 0.12 14.47
CA SER D 257 14.40 1.00 15.51
C SER D 257 15.22 2.28 15.65
N SER D 258 16.54 2.18 15.46
CA SER D 258 17.40 3.35 15.55
C SER D 258 17.63 4.03 14.21
N LYS D 259 17.14 3.46 13.11
CA LYS D 259 17.35 4.00 11.77
C LYS D 259 18.83 4.25 11.50
N THR D 260 19.65 3.24 11.82
CA THR D 260 21.11 3.38 11.76
C THR D 260 21.57 3.82 10.38
N LEU D 261 21.07 3.16 9.33
CA LEU D 261 21.49 3.49 7.97
C LEU D 261 21.22 4.95 7.62
N ALA D 262 20.23 5.56 8.26
CA ALA D 262 19.93 6.96 7.99
C ALA D 262 20.89 7.91 8.70
N LYS D 263 21.43 7.49 9.84
CA LYS D 263 22.25 8.36 10.68
C LYS D 263 23.75 8.09 10.55
N LEU D 264 24.14 7.13 9.72
CA LEU D 264 25.56 6.79 9.60
C LEU D 264 26.32 7.82 8.77
N ILE D 265 25.81 8.15 7.58
CA ILE D 265 26.50 9.10 6.71
C ILE D 265 26.70 10.46 7.38
N PRO D 266 25.68 11.13 7.90
CA PRO D 266 25.94 12.41 8.58
C PRO D 266 26.98 12.27 9.68
N LEU D 267 26.78 11.30 10.58
CA LEU D 267 27.72 11.09 11.69
C LEU D 267 29.16 11.03 11.18
N ILE D 268 29.43 10.16 10.22
CA ILE D 268 30.75 10.09 9.60
C ILE D 268 31.20 11.47 9.17
N GLU D 269 30.38 12.13 8.33
CA GLU D 269 30.72 13.47 7.88
C GLU D 269 30.95 14.39 9.08
N ASP D 270 30.09 14.27 10.10
CA ASP D 270 30.25 15.08 11.31
C ASP D 270 31.65 14.90 11.89
N VAL D 271 32.12 13.66 12.00
CA VAL D 271 33.47 13.41 12.51
C VAL D 271 34.49 14.08 11.60
N LEU D 272 34.32 13.93 10.29
CA LEU D 272 35.23 14.57 9.34
C LEU D 272 35.13 16.09 9.38
N ALA D 273 34.07 16.63 9.98
CA ALA D 273 33.99 18.07 10.18
C ALA D 273 35.05 18.57 11.15
N ALA D 274 35.65 17.68 11.94
CA ALA D 274 36.68 18.07 12.88
C ALA D 274 37.92 18.54 12.12
N GLY D 275 38.31 19.80 12.34
CA GLY D 275 39.47 20.36 11.68
C GLY D 275 39.24 20.57 10.19
N SER E 2 6.13 4.01 1.31
CA SER E 2 5.12 3.83 0.28
C SER E 2 5.16 2.40 -0.27
N MET E 3 4.02 1.71 -0.18
CA MET E 3 3.94 0.34 -0.67
C MET E 3 3.73 0.34 -2.18
N LEU E 4 4.37 -0.61 -2.86
CA LEU E 4 4.34 -0.71 -4.31
C LEU E 4 4.09 -2.15 -4.72
N VAL E 5 3.11 -2.35 -5.61
CA VAL E 5 2.79 -3.67 -6.15
C VAL E 5 2.75 -3.57 -7.67
N VAL E 6 3.37 -4.53 -8.35
CA VAL E 6 3.40 -4.58 -9.81
C VAL E 6 2.98 -5.97 -10.25
N VAL E 7 2.01 -6.04 -11.16
CA VAL E 7 1.54 -7.30 -11.72
C VAL E 7 1.81 -7.29 -13.22
N THR E 8 2.33 -8.40 -13.74
CA THR E 8 2.79 -8.50 -15.11
C THR E 8 2.23 -9.76 -15.75
N GLU E 9 1.89 -9.65 -17.04
CA GLU E 9 1.41 -10.80 -17.81
C GLU E 9 2.08 -10.77 -19.18
N ASN E 10 2.57 -11.94 -19.61
CA ASN E 10 3.18 -12.12 -20.94
C ASN E 10 4.39 -11.21 -21.15
N VAL E 11 5.16 -10.97 -20.09
CA VAL E 11 6.37 -10.17 -20.20
C VAL E 11 7.56 -11.12 -20.42
N PRO E 12 8.59 -10.70 -21.13
CA PRO E 12 9.78 -11.54 -21.24
C PRO E 12 10.42 -11.73 -19.88
N PRO E 13 11.11 -12.85 -19.67
CA PRO E 13 11.68 -13.12 -18.34
C PRO E 13 12.63 -12.04 -17.87
N ARG E 14 13.16 -11.21 -18.79
CA ARG E 14 14.03 -10.12 -18.40
C ARG E 14 13.37 -9.22 -17.36
N LEU E 15 12.17 -8.71 -17.68
CA LEU E 15 11.47 -7.84 -16.76
C LEU E 15 11.12 -8.55 -15.46
N ARG E 16 10.88 -9.86 -15.54
CA ARG E 16 10.58 -10.62 -14.31
C ARG E 16 11.80 -10.68 -13.40
N GLY E 17 12.99 -10.87 -13.98
CA GLY E 17 14.20 -10.88 -13.17
C GLY E 17 14.52 -9.52 -12.62
N ARG E 18 14.46 -8.48 -13.45
CA ARG E 18 14.67 -7.12 -12.97
C ARG E 18 13.74 -6.78 -11.82
N LEU E 19 12.47 -7.22 -11.92
CA LEU E 19 11.57 -7.05 -10.78
C LEU E 19 12.00 -7.92 -9.60
N ALA E 20 12.67 -9.05 -9.84
CA ALA E 20 13.21 -9.84 -8.75
C ALA E 20 14.45 -9.21 -8.13
N ILE E 21 15.03 -8.20 -8.77
CA ILE E 21 16.18 -7.51 -8.19
C ILE E 21 15.78 -6.70 -6.98
N TRP E 22 14.55 -6.19 -6.96
CA TRP E 22 14.11 -5.24 -5.94
C TRP E 22 12.91 -5.70 -5.14
N LEU E 23 12.00 -6.47 -5.74
CA LEU E 23 10.74 -6.83 -5.11
C LEU E 23 10.67 -8.33 -4.88
N LEU E 24 9.81 -8.72 -3.94
CA LEU E 24 9.59 -10.13 -3.63
C LEU E 24 8.46 -10.67 -4.49
N GLU E 25 8.75 -11.73 -5.23
CA GLU E 25 7.77 -12.33 -6.15
C GLU E 25 6.96 -13.36 -5.37
N VAL E 26 5.78 -12.93 -4.89
CA VAL E 26 4.93 -13.81 -4.10
C VAL E 26 4.19 -14.80 -5.00
N ARG E 27 3.71 -14.33 -6.15
CA ARG E 27 3.04 -15.16 -7.12
C ARG E 27 3.63 -14.89 -8.50
N ALA E 28 3.29 -15.76 -9.45
CA ALA E 28 3.78 -15.64 -10.82
C ALA E 28 3.36 -14.30 -11.43
N GLY E 29 4.30 -13.36 -11.50
CA GLY E 29 4.01 -12.04 -12.03
C GLY E 29 3.50 -11.04 -11.03
N VAL E 30 3.48 -11.38 -9.75
CA VAL E 30 2.98 -10.52 -8.68
C VAL E 30 4.16 -10.12 -7.81
N TYR E 31 4.52 -8.85 -7.83
CA TYR E 31 5.70 -8.34 -7.12
C TYR E 31 5.27 -7.30 -6.09
N VAL E 32 5.83 -7.43 -4.89
CA VAL E 32 5.47 -6.64 -3.72
C VAL E 32 6.71 -5.93 -3.19
N GLY E 33 6.53 -4.72 -2.69
CA GLY E 33 7.65 -3.97 -2.15
C GLY E 33 7.19 -2.72 -1.43
N ASP E 34 8.17 -1.97 -0.94
CA ASP E 34 7.91 -0.69 -0.26
C ASP E 34 9.08 0.22 -0.60
N VAL E 35 8.87 1.13 -1.55
CA VAL E 35 9.92 1.99 -2.06
C VAL E 35 9.48 3.44 -1.94
N SER E 36 10.39 4.35 -2.29
CA SER E 36 10.10 5.78 -2.29
C SER E 36 9.55 6.16 -3.67
N ALA E 37 9.46 7.47 -3.94
CA ALA E 37 8.89 7.93 -5.19
C ALA E 37 9.84 7.74 -6.36
N LYS E 38 11.08 8.20 -6.22
CA LYS E 38 12.03 8.12 -7.34
C LYS E 38 12.33 6.66 -7.70
N ILE E 39 12.43 5.80 -6.68
CA ILE E 39 12.69 4.38 -6.96
C ILE E 39 11.52 3.77 -7.71
N ARG E 40 10.30 4.13 -7.34
CA ARG E 40 9.12 3.74 -8.12
C ARG E 40 9.25 4.21 -9.56
N GLU E 41 9.74 5.44 -9.76
CA GLU E 41 9.96 5.92 -11.12
C GLU E 41 10.94 5.02 -11.87
N MET E 42 12.02 4.61 -11.19
CA MET E 42 12.98 3.70 -11.82
C MET E 42 12.33 2.38 -12.22
N ILE E 43 11.53 1.81 -11.32
CA ILE E 43 10.88 0.53 -11.61
C ILE E 43 9.92 0.68 -12.79
N TRP E 44 9.22 1.81 -12.86
CA TRP E 44 8.34 2.04 -14.00
C TRP E 44 9.12 2.20 -15.29
N GLU E 45 10.32 2.80 -15.21
CA GLU E 45 11.17 2.88 -16.39
C GLU E 45 11.60 1.50 -16.86
N GLN E 46 12.03 0.65 -15.92
CA GLN E 46 12.34 -0.73 -16.28
C GLN E 46 11.13 -1.42 -16.92
N ILE E 47 9.92 -1.14 -16.41
CA ILE E 47 8.72 -1.75 -16.95
C ILE E 47 8.49 -1.32 -18.39
N ALA E 48 8.41 0.00 -18.62
CA ALA E 48 8.17 0.52 -19.97
C ALA E 48 9.30 0.20 -20.93
N GLY E 49 10.48 -0.11 -20.42
CA GLY E 49 11.61 -0.42 -21.28
C GLY E 49 11.68 -1.88 -21.67
N LEU E 50 11.33 -2.76 -20.74
CA LEU E 50 11.45 -4.20 -20.97
C LEU E 50 10.16 -4.87 -21.41
N ALA E 51 9.01 -4.27 -21.12
CA ALA E 51 7.75 -4.80 -21.63
C ALA E 51 7.58 -4.38 -23.08
N GLU E 52 7.24 -5.33 -23.92
CA GLU E 52 7.03 -5.05 -25.33
C GLU E 52 5.74 -5.64 -25.87
N GLU E 53 5.41 -6.88 -25.49
CA GLU E 53 4.16 -7.51 -25.86
C GLU E 53 3.25 -7.79 -24.68
N GLY E 54 3.76 -7.77 -23.45
CA GLY E 54 2.95 -8.05 -22.29
C GLY E 54 2.20 -6.83 -21.77
N ASN E 55 1.32 -7.10 -20.81
CA ASN E 55 0.54 -6.06 -20.16
C ASN E 55 0.93 -6.00 -18.69
N VAL E 56 1.14 -4.80 -18.18
CA VAL E 56 1.63 -4.59 -16.82
C VAL E 56 0.76 -3.54 -16.14
N VAL E 57 0.43 -3.78 -14.87
CA VAL E 57 -0.31 -2.82 -14.06
C VAL E 57 0.47 -2.58 -12.78
N MET E 58 0.70 -1.30 -12.47
CA MET E 58 1.46 -0.89 -11.29
C MET E 58 0.59 -0.03 -10.40
N ALA E 59 0.53 -0.38 -9.12
CA ALA E 59 -0.30 0.33 -8.15
C ALA E 59 0.52 0.61 -6.90
N TRP E 60 0.48 1.86 -6.44
CA TRP E 60 1.27 2.30 -5.29
C TRP E 60 0.41 3.09 -4.34
N ALA E 61 0.87 3.15 -3.08
CA ALA E 61 0.18 3.89 -2.04
C ALA E 61 0.36 5.39 -2.20
N THR E 62 -0.71 6.14 -1.96
CA THR E 62 -0.65 7.60 -2.00
C THR E 62 -1.50 8.15 -0.87
N ASN E 63 -1.69 9.47 -0.88
CA ASN E 63 -2.54 10.16 0.09
C ASN E 63 -3.83 10.65 -0.55
N THR E 64 -4.29 9.96 -1.59
CA THR E 64 -5.56 10.29 -2.24
C THR E 64 -6.71 9.72 -1.41
N GLU E 65 -7.94 9.96 -1.88
CA GLU E 65 -9.11 9.50 -1.14
C GLU E 65 -9.22 7.97 -1.19
N THR E 66 -8.94 7.37 -2.35
CA THR E 66 -8.97 5.92 -2.44
C THR E 66 -7.82 5.27 -1.70
N GLY E 67 -6.73 5.99 -1.46
CA GLY E 67 -5.56 5.48 -0.77
C GLY E 67 -4.40 5.12 -1.69
N PHE E 68 -4.69 4.65 -2.90
CA PHE E 68 -3.67 4.22 -3.84
C PHE E 68 -3.98 4.78 -5.22
N GLU E 69 -3.01 4.60 -6.12
CA GLU E 69 -3.15 5.00 -7.51
C GLU E 69 -2.50 3.94 -8.38
N PHE E 70 -3.07 3.70 -9.56
CA PHE E 70 -2.56 2.66 -10.45
C PHE E 70 -2.51 3.17 -11.88
N GLN E 71 -1.53 2.68 -12.63
CA GLN E 71 -1.44 2.95 -14.06
C GLN E 71 -1.09 1.66 -14.78
N THR E 72 -1.49 1.60 -16.05
CA THR E 72 -1.35 0.40 -16.87
C THR E 72 -0.52 0.69 -18.10
N PHE E 73 0.27 -0.30 -18.50
CA PHE E 73 0.99 -0.30 -19.77
C PHE E 73 0.57 -1.52 -20.57
N GLY E 74 0.10 -1.28 -21.79
CA GLY E 74 -0.32 -2.35 -22.67
C GLY E 74 -1.82 -2.48 -22.77
N LEU E 75 -2.24 -3.57 -23.42
CA LEU E 75 -3.64 -3.87 -23.65
C LEU E 75 -4.02 -5.16 -22.95
N ASN E 76 -5.08 -5.10 -22.15
CA ASN E 76 -5.58 -6.26 -21.43
C ASN E 76 -7.10 -6.27 -21.52
N ARG E 77 -7.69 -7.43 -21.20
CA ARG E 77 -9.14 -7.54 -21.18
C ARG E 77 -9.74 -6.65 -20.10
N ARG E 78 -9.04 -6.45 -18.98
CA ARG E 78 -9.47 -5.57 -17.90
C ARG E 78 -8.84 -4.20 -18.12
N THR E 79 -9.65 -3.24 -18.55
CA THR E 79 -9.13 -1.91 -18.84
C THR E 79 -9.67 -0.89 -17.85
N PRO E 80 -8.82 -0.01 -17.33
CA PRO E 80 -9.31 1.02 -16.41
C PRO E 80 -10.13 2.09 -17.13
N VAL E 81 -11.24 2.47 -16.51
CA VAL E 81 -12.16 3.47 -17.04
C VAL E 81 -12.26 4.61 -16.03
N ASP E 82 -12.38 5.83 -16.54
CA ASP E 82 -12.49 7.02 -15.72
C ASP E 82 -13.96 7.33 -15.47
N LEU E 83 -14.38 7.25 -14.20
CA LEU E 83 -15.74 7.53 -13.79
C LEU E 83 -15.74 8.83 -12.98
N ASP E 84 -15.86 9.95 -13.68
CA ASP E 84 -15.85 11.28 -13.07
C ASP E 84 -14.61 11.46 -12.21
N GLY E 85 -13.45 11.12 -12.78
CA GLY E 85 -12.19 11.17 -12.09
C GLY E 85 -11.88 9.92 -11.29
N LEU E 86 -12.90 9.23 -10.79
CA LEU E 86 -12.69 8.00 -10.02
C LEU E 86 -12.40 6.87 -11.00
N ARG E 87 -11.14 6.47 -11.09
CA ARG E 87 -10.73 5.45 -12.05
C ARG E 87 -11.00 4.07 -11.48
N LEU E 88 -11.84 3.30 -12.15
CA LEU E 88 -12.13 1.92 -11.79
C LEU E 88 -11.66 1.01 -12.93
N VAL E 89 -12.05 -0.26 -12.85
CA VAL E 89 -11.65 -1.22 -13.87
C VAL E 89 -12.92 -1.82 -14.48
N SER E 90 -12.82 -2.15 -15.77
CA SER E 90 -13.95 -2.66 -16.53
C SER E 90 -13.50 -3.83 -17.39
N PHE E 91 -14.21 -4.94 -17.29
CA PHE E 91 -13.82 -6.20 -17.92
C PHE E 91 -14.44 -6.26 -19.32
N LEU E 92 -13.61 -6.21 -20.35
CA LEU E 92 -14.11 -6.23 -21.71
C LEU E 92 -14.63 -7.61 -22.09
N PRO E 93 -15.57 -7.68 -23.05
CA PRO E 93 -16.07 -8.99 -23.51
C PRO E 93 -15.21 -9.58 -24.61
N VAL E 94 -15.66 -10.67 -25.22
CA VAL E 94 -14.94 -11.30 -26.31
C VAL E 94 -15.04 -10.46 -27.57
N MET F 1 -5.45 3.59 8.68
CA MET F 1 -5.72 2.85 7.44
C MET F 1 -4.45 2.62 6.64
N SER F 2 -4.29 1.40 6.13
CA SER F 2 -3.12 1.00 5.38
C SER F 2 -3.57 0.38 4.05
N MET F 3 -2.59 0.06 3.21
CA MET F 3 -2.83 -0.51 1.91
C MET F 3 -2.94 -2.02 2.01
N LEU F 4 -3.85 -2.59 1.21
CA LEU F 4 -4.14 -4.02 1.25
C LEU F 4 -4.16 -4.57 -0.18
N VAL F 5 -3.49 -5.69 -0.39
CA VAL F 5 -3.46 -6.35 -1.70
C VAL F 5 -3.72 -7.84 -1.51
N VAL F 6 -4.70 -8.37 -2.25
CA VAL F 6 -5.14 -9.75 -2.12
C VAL F 6 -5.00 -10.45 -3.45
N VAL F 7 -4.31 -11.59 -3.45
CA VAL F 7 -4.10 -12.39 -4.65
C VAL F 7 -4.68 -13.79 -4.40
N THR F 8 -5.54 -14.24 -5.32
CA THR F 8 -6.29 -15.48 -5.16
C THR F 8 -6.07 -16.40 -6.34
N GLU F 9 -6.20 -17.70 -6.09
CA GLU F 9 -6.09 -18.72 -7.12
C GLU F 9 -6.94 -19.91 -6.73
N ASN F 10 -7.78 -20.38 -7.66
CA ASN F 10 -8.62 -21.57 -7.47
C ASN F 10 -9.62 -21.37 -6.34
N VAL F 11 -10.09 -20.14 -6.19
CA VAL F 11 -11.09 -19.79 -5.18
C VAL F 11 -12.48 -19.86 -5.82
N PRO F 12 -13.50 -20.25 -5.09
CA PRO F 12 -14.86 -20.21 -5.62
C PRO F 12 -15.29 -18.78 -5.90
N PRO F 13 -16.22 -18.57 -6.85
CA PRO F 13 -16.61 -17.21 -7.21
C PRO F 13 -17.19 -16.41 -6.05
N ARG F 14 -17.70 -17.07 -5.02
CA ARG F 14 -18.18 -16.37 -3.83
C ARG F 14 -17.10 -15.46 -3.27
N LEU F 15 -15.90 -16.01 -3.06
CA LEU F 15 -14.81 -15.22 -2.50
C LEU F 15 -14.40 -14.10 -3.45
N ARG F 16 -14.39 -14.38 -4.75
CA ARG F 16 -14.00 -13.35 -5.72
C ARG F 16 -14.96 -12.17 -5.70
N GLY F 17 -16.27 -12.45 -5.64
CA GLY F 17 -17.22 -11.37 -5.54
C GLY F 17 -17.11 -10.63 -4.22
N ARG F 18 -17.10 -11.38 -3.11
CA ARG F 18 -16.92 -10.77 -1.79
C ARG F 18 -15.76 -9.80 -1.78
N LEU F 19 -14.62 -10.19 -2.36
CA LEU F 19 -13.52 -9.26 -2.45
C LEU F 19 -13.83 -8.12 -3.41
N ALA F 20 -14.65 -8.36 -4.44
CA ALA F 20 -15.06 -7.26 -5.31
C ALA F 20 -15.99 -6.27 -4.61
N ILE F 21 -16.48 -6.61 -3.41
CA ILE F 21 -17.37 -5.71 -2.69
C ILE F 21 -16.60 -4.52 -2.13
N TRP F 22 -15.33 -4.71 -1.76
CA TRP F 22 -14.54 -3.64 -1.18
C TRP F 22 -13.29 -3.28 -1.97
N LEU F 23 -12.78 -4.20 -2.79
CA LEU F 23 -11.53 -4.01 -3.50
C LEU F 23 -11.78 -3.92 -5.00
N LEU F 24 -10.81 -3.35 -5.71
CA LEU F 24 -10.88 -3.23 -7.16
C LEU F 24 -10.15 -4.41 -7.77
N GLU F 25 -10.82 -5.11 -8.69
CA GLU F 25 -10.25 -6.28 -9.36
C GLU F 25 -9.44 -5.81 -10.56
N VAL F 26 -8.18 -5.44 -10.30
CA VAL F 26 -7.30 -5.04 -11.40
C VAL F 26 -6.99 -6.22 -12.31
N ARG F 27 -6.65 -7.38 -11.73
CA ARG F 27 -6.34 -8.54 -12.55
C ARG F 27 -7.10 -9.75 -12.04
N ALA F 28 -7.08 -10.82 -12.85
CA ALA F 28 -7.79 -12.06 -12.50
C ALA F 28 -7.20 -12.69 -11.23
N GLY F 29 -7.78 -12.39 -10.07
CA GLY F 29 -7.24 -12.83 -8.81
C GLY F 29 -6.34 -11.82 -8.13
N VAL F 30 -6.18 -10.63 -8.72
CA VAL F 30 -5.37 -9.56 -8.16
C VAL F 30 -6.30 -8.41 -7.83
N TYR F 31 -6.50 -8.17 -6.53
CA TYR F 31 -7.36 -7.11 -6.01
C TYR F 31 -6.54 -6.14 -5.15
N VAL F 32 -6.86 -4.85 -5.27
CA VAL F 32 -6.14 -3.77 -4.60
C VAL F 32 -7.15 -2.96 -3.79
N GLY F 33 -6.72 -2.50 -2.62
CA GLY F 33 -7.57 -1.66 -1.80
C GLY F 33 -6.75 -0.90 -0.77
N ASP F 34 -7.45 -0.03 -0.04
CA ASP F 34 -6.85 0.73 1.06
C ASP F 34 -7.87 0.79 2.18
N VAL F 35 -7.65 0.01 3.24
CA VAL F 35 -8.62 -0.16 4.30
C VAL F 35 -7.90 -0.07 5.65
N SER F 36 -8.69 0.08 6.71
CA SER F 36 -8.15 0.15 8.05
C SER F 36 -7.76 -1.26 8.53
N ALA F 37 -7.26 -1.33 9.76
CA ALA F 37 -6.89 -2.62 10.33
C ALA F 37 -8.12 -3.51 10.53
N LYS F 38 -9.22 -2.94 11.02
CA LYS F 38 -10.43 -3.71 11.22
C LYS F 38 -10.95 -4.29 9.92
N ILE F 39 -11.04 -3.45 8.88
CA ILE F 39 -11.53 -3.92 7.59
C ILE F 39 -10.61 -4.98 7.02
N ARG F 40 -9.29 -4.80 7.21
CA ARG F 40 -8.34 -5.82 6.79
C ARG F 40 -8.62 -7.15 7.47
N GLU F 41 -8.79 -7.14 8.80
CA GLU F 41 -9.06 -8.37 9.53
C GLU F 41 -10.36 -9.01 9.05
N MET F 42 -11.38 -8.19 8.77
CA MET F 42 -12.65 -8.72 8.27
C MET F 42 -12.45 -9.39 6.91
N ILE F 43 -11.76 -8.71 5.99
CA ILE F 43 -11.47 -9.30 4.69
C ILE F 43 -10.76 -10.62 4.86
N TRP F 44 -9.82 -10.70 5.82
CA TRP F 44 -9.12 -11.94 6.04
C TRP F 44 -10.05 -13.02 6.58
N GLU F 45 -11.02 -12.64 7.42
CA GLU F 45 -12.01 -13.59 7.89
C GLU F 45 -12.80 -14.17 6.73
N GLN F 46 -13.28 -13.30 5.83
CA GLN F 46 -14.00 -13.77 4.66
C GLN F 46 -13.11 -14.65 3.78
N ILE F 47 -11.82 -14.33 3.70
CA ILE F 47 -10.91 -15.11 2.86
C ILE F 47 -10.74 -16.51 3.42
N ALA F 48 -10.52 -16.61 4.74
CA ALA F 48 -10.28 -17.93 5.33
C ALA F 48 -11.55 -18.74 5.44
N GLY F 49 -12.71 -18.08 5.51
CA GLY F 49 -13.97 -18.78 5.66
C GLY F 49 -14.61 -19.19 4.35
N LEU F 50 -14.32 -18.44 3.27
CA LEU F 50 -14.94 -18.70 1.98
C LEU F 50 -14.04 -19.48 1.03
N ALA F 51 -12.73 -19.40 1.18
CA ALA F 51 -11.82 -20.11 0.29
C ALA F 51 -11.82 -21.60 0.61
N GLU F 52 -11.84 -22.41 -0.44
CA GLU F 52 -11.79 -23.86 -0.32
C GLU F 52 -10.89 -24.40 -1.42
N GLU F 53 -9.92 -25.24 -1.03
CA GLU F 53 -8.96 -25.84 -1.96
C GLU F 53 -8.08 -24.82 -2.67
N GLY F 54 -8.49 -23.55 -2.68
CA GLY F 54 -7.69 -22.53 -3.34
C GLY F 54 -6.62 -21.99 -2.44
N ASN F 55 -5.78 -21.14 -3.01
CA ASN F 55 -4.69 -20.51 -2.29
C ASN F 55 -4.81 -19.00 -2.42
N VAL F 56 -4.64 -18.30 -1.30
CA VAL F 56 -4.76 -16.84 -1.24
C VAL F 56 -3.57 -16.29 -0.47
N VAL F 57 -3.10 -15.10 -0.88
CA VAL F 57 -2.03 -14.40 -0.19
C VAL F 57 -2.44 -12.94 -0.02
N MET F 58 -2.23 -12.42 1.19
CA MET F 58 -2.65 -11.06 1.55
C MET F 58 -1.44 -10.30 2.05
N ALA F 59 -1.21 -9.11 1.49
CA ALA F 59 -0.05 -8.29 1.84
C ALA F 59 -0.47 -6.85 2.05
N TRP F 60 -0.12 -6.30 3.22
CA TRP F 60 -0.54 -4.96 3.60
C TRP F 60 0.67 -4.13 4.01
N ALA F 61 0.54 -2.82 3.83
CA ALA F 61 1.63 -1.90 4.17
C ALA F 61 1.71 -1.69 5.67
N THR F 62 2.92 -1.75 6.21
CA THR F 62 3.16 -1.49 7.62
C THR F 62 4.41 -0.63 7.74
N ASN F 63 4.93 -0.50 8.96
CA ASN F 63 6.08 0.36 9.22
C ASN F 63 7.33 -0.43 9.57
N THR F 64 7.42 -1.67 9.09
CA THR F 64 8.63 -2.45 9.28
C THR F 64 9.72 -1.95 8.32
N GLU F 65 10.96 -2.39 8.57
CA GLU F 65 12.06 -2.03 7.68
C GLU F 65 11.77 -2.47 6.26
N THR F 66 11.16 -3.65 6.09
CA THR F 66 10.71 -4.07 4.78
C THR F 66 9.65 -3.12 4.22
N GLY F 67 8.84 -2.52 5.09
CA GLY F 67 7.80 -1.61 4.68
C GLY F 67 6.45 -2.26 4.43
N PHE F 68 6.35 -3.58 4.55
CA PHE F 68 5.07 -4.26 4.39
C PHE F 68 5.17 -5.60 5.10
N GLU F 69 4.00 -6.18 5.37
CA GLU F 69 3.91 -7.49 5.99
C GLU F 69 2.88 -8.31 5.23
N PHE F 70 3.13 -9.62 5.11
CA PHE F 70 2.23 -10.48 4.35
C PHE F 70 1.98 -11.77 5.11
N GLN F 71 0.85 -12.41 4.77
CA GLN F 71 0.55 -13.74 5.26
C GLN F 71 -0.25 -14.49 4.19
N THR F 72 -0.20 -15.82 4.27
CA THR F 72 -0.73 -16.69 3.22
C THR F 72 -1.65 -17.75 3.83
N PHE F 73 -2.61 -18.18 3.01
CA PHE F 73 -3.52 -19.27 3.35
C PHE F 73 -3.56 -20.24 2.18
N GLY F 74 -3.39 -21.52 2.48
CA GLY F 74 -3.36 -22.56 1.46
C GLY F 74 -1.96 -23.04 1.15
N LEU F 75 -1.87 -23.82 0.08
CA LEU F 75 -0.59 -24.34 -0.39
C LEU F 75 -0.35 -23.90 -1.83
N ASN F 76 0.91 -23.55 -2.12
CA ASN F 76 1.33 -23.17 -3.46
C ASN F 76 2.77 -23.62 -3.65
N ARG F 77 3.21 -23.61 -4.91
CA ARG F 77 4.60 -23.95 -5.22
C ARG F 77 5.59 -22.93 -4.68
N ARG F 78 5.14 -21.69 -4.42
CA ARG F 78 5.98 -20.66 -3.82
C ARG F 78 5.63 -20.57 -2.34
N THR F 79 6.56 -20.95 -1.48
CA THR F 79 6.30 -20.96 -0.05
C THR F 79 7.24 -20.02 0.69
N PRO F 80 6.75 -19.30 1.70
CA PRO F 80 7.62 -18.36 2.42
C PRO F 80 8.55 -19.06 3.39
N VAL F 81 9.81 -18.61 3.40
CA VAL F 81 10.84 -19.14 4.28
C VAL F 81 11.34 -18.01 5.17
N ASP F 82 11.59 -18.34 6.44
CA ASP F 82 12.07 -17.39 7.43
C ASP F 82 13.59 -17.49 7.49
N LEU F 83 14.26 -16.46 6.98
CA LEU F 83 15.71 -16.34 7.05
C LEU F 83 16.03 -15.32 8.13
N ASP F 84 16.30 -15.80 9.35
CA ASP F 84 16.67 -14.97 10.49
C ASP F 84 15.66 -13.83 10.66
N GLY F 85 14.38 -14.21 10.72
CA GLY F 85 13.30 -13.26 10.88
C GLY F 85 12.83 -12.60 9.61
N LEU F 86 13.71 -12.46 8.61
CA LEU F 86 13.33 -11.84 7.35
C LEU F 86 12.58 -12.86 6.50
N ARG F 87 11.35 -12.52 6.11
CA ARG F 87 10.49 -13.45 5.39
C ARG F 87 10.70 -13.29 3.89
N LEU F 88 11.14 -14.37 3.24
CA LEU F 88 11.31 -14.45 1.80
C LEU F 88 10.43 -15.57 1.25
N VAL F 89 10.60 -15.88 -0.04
CA VAL F 89 9.79 -16.91 -0.69
C VAL F 89 10.71 -17.79 -1.53
N SER F 90 10.56 -19.11 -1.36
CA SER F 90 11.30 -20.11 -2.12
C SER F 90 10.37 -20.85 -3.06
N PHE F 91 10.90 -21.21 -4.23
CA PHE F 91 10.17 -21.91 -5.28
C PHE F 91 10.58 -23.38 -5.25
N LEU F 92 9.63 -24.26 -4.90
CA LEU F 92 9.98 -25.67 -4.79
C LEU F 92 9.85 -26.37 -6.14
N PRO F 93 10.70 -27.37 -6.42
CA PRO F 93 10.55 -28.13 -7.68
C PRO F 93 9.40 -29.14 -7.60
N VAL F 94 9.24 -29.94 -8.65
CA VAL F 94 8.18 -30.94 -8.68
C VAL F 94 8.49 -32.03 -7.67
N GLY F 95 7.54 -32.29 -6.77
CA GLY F 95 7.70 -33.29 -5.74
C GLY F 95 8.63 -32.85 -4.62
#